data_4BRE
#
_entry.id   4BRE
#
_cell.length_a   62.681
_cell.length_b   86.203
_cell.length_c   70.879
_cell.angle_alpha   90.00
_cell.angle_beta   105.94
_cell.angle_gamma   90.00
#
_symmetry.space_group_name_H-M   'P 1 21 1'
#
loop_
_entity.id
_entity.type
_entity.pdbx_description
1 polymer 'ECTONUCLEOSIDE TRIPHOSPHATE DIPHOSPHOHYDROLASE I'
2 non-polymer 'SODIUM ION'
3 non-polymer "ADENOSINE-5'-PHOSPHOVANADATE"
4 non-polymer 'MAGNESIUM ION'
5 non-polymer '2-(N-MORPHOLINO)-ETHANESULFONIC ACID'
6 water water
#
_entity_poly.entity_id   1
_entity_poly.type   'polypeptide(L)'
_entity_poly.pdbx_seq_one_letter_code
;MDTNPCEKHSCIAVIDAGSTGSRLHIYSYDTDDTNTPIHIEEIWNKKIKPGFASIQPNSVTIDAYLTMLLADAPIHNIPV
YFYATAGMRLLPQSQQKKYYDELDYWFRQQSQWQLVEAKTITGNDEALFDWLAVNYKLDTLKSVQNKSVGVMDMGGASVQ
IVFPMPKNAEISKHNQVELNIYGQNINLYVHSFLGLGQTEMSHQFLNSPSCFANDYPLPDGESGQGNAPSCKEEVTSLMN
SVHKVNQQIQPLLALNPVNEWYSIGGISNLASSQLFHFENSELTNQSLLQQGDNQICHQQWDILNGQYPDDEYLYQYCLL
SSYYYALMVDGYGINPNQTIHYIPPEQNLDWTIGVVLHRALEHHHHHH
;
_entity_poly.pdbx_strand_id   A,B
#
loop_
_chem_comp.id
_chem_comp.type
_chem_comp.name
_chem_comp.formula
50T non-polymer ADENOSINE-5'-PHOSPHOVANADATE 'C10 H17 N5 O11 P V'
MES non-polymer '2-(N-MORPHOLINO)-ETHANESULFONIC ACID' 'C6 H13 N O4 S'
MG non-polymer 'MAGNESIUM ION' 'Mg 2'
NA non-polymer 'SODIUM ION' 'Na 1'
#
# COMPACT_ATOMS: atom_id res chain seq x y z
N ASN A 4 -25.92 34.55 -0.08
CA ASN A 4 -25.85 34.26 -1.56
C ASN A 4 -24.57 34.80 -2.24
N PRO A 5 -23.42 34.25 -1.87
CA PRO A 5 -22.12 34.88 -2.20
C PRO A 5 -21.73 34.82 -3.69
N CYS A 6 -22.13 33.74 -4.37
CA CYS A 6 -21.88 33.59 -5.80
C CYS A 6 -22.68 34.49 -6.75
N GLU A 7 -23.71 35.19 -6.29
CA GLU A 7 -24.31 36.19 -7.14
C GLU A 7 -23.52 37.45 -7.09
N LYS A 8 -22.63 37.56 -6.10
CA LYS A 8 -21.89 38.80 -5.81
C LYS A 8 -20.39 38.69 -5.98
N HIS A 9 -19.88 37.47 -6.03
CA HIS A 9 -18.45 37.18 -6.18
C HIS A 9 -18.31 36.01 -7.14
N SER A 10 -17.12 35.90 -7.72
CA SER A 10 -16.73 34.69 -8.48
C SER A 10 -16.74 33.48 -7.56
N CYS A 11 -17.34 32.38 -7.98
CA CYS A 11 -17.18 31.11 -7.23
C CYS A 11 -16.72 29.98 -8.08
N ILE A 12 -15.86 29.15 -7.50
CA ILE A 12 -15.54 27.89 -8.13
C ILE A 12 -15.49 26.77 -7.09
N ALA A 13 -15.73 25.55 -7.57
CA ALA A 13 -15.58 24.34 -6.74
C ALA A 13 -14.28 23.65 -7.10
N VAL A 14 -13.53 23.27 -6.09
CA VAL A 14 -12.33 22.46 -6.29
C VAL A 14 -12.42 21.21 -5.39
N ILE A 15 -12.31 20.04 -6.03
CA ILE A 15 -12.27 18.76 -5.31
C ILE A 15 -10.82 18.25 -5.13
N ASP A 16 -10.42 18.03 -3.89
CA ASP A 16 -9.17 17.31 -3.54
C ASP A 16 -9.53 15.81 -3.41
N ALA A 17 -9.16 15.05 -4.45
CA ALA A 17 -9.43 13.60 -4.45
C ALA A 17 -8.13 12.90 -3.97
N GLY A 18 -8.03 12.81 -2.65
CA GLY A 18 -6.79 12.32 -1.98
C GLY A 18 -6.90 10.84 -1.77
N SER A 19 -5.79 10.22 -1.32
CA SER A 19 -5.78 8.80 -1.15
C SER A 19 -6.75 8.26 -0.13
N THR A 20 -7.06 9.00 0.92
CA THR A 20 -7.92 8.46 1.97
C THR A 20 -9.35 9.04 1.88
N GLY A 21 -9.58 9.99 0.96
CA GLY A 21 -10.95 10.55 0.85
C GLY A 21 -10.98 11.74 -0.07
N SER A 22 -12.21 12.23 -0.32
CA SER A 22 -12.36 13.40 -1.18
C SER A 22 -12.94 14.58 -0.41
N ARG A 23 -12.46 15.77 -0.74
CA ARG A 23 -12.96 16.99 -0.08
C ARG A 23 -13.38 17.98 -1.17
N LEU A 24 -14.67 18.35 -1.12
CA LEU A 24 -15.16 19.35 -2.07
C LEU A 24 -15.12 20.69 -1.33
N HIS A 25 -14.55 21.73 -1.94
CA HIS A 25 -14.62 23.10 -1.43
C HIS A 25 -15.26 23.97 -2.46
N ILE A 26 -16.15 24.88 -2.03
CA ILE A 26 -16.66 25.92 -2.95
C ILE A 26 -16.09 27.20 -2.36
N TYR A 27 -15.41 27.99 -3.20
CA TYR A 27 -14.72 29.22 -2.78
C TYR A 27 -15.42 30.38 -3.48
N SER A 28 -15.67 31.46 -2.73
CA SER A 28 -16.03 32.73 -3.33
C SER A 28 -14.76 33.58 -3.36
N TYR A 29 -14.61 34.46 -4.36
CA TYR A 29 -13.45 35.35 -4.38
C TYR A 29 -13.72 36.53 -5.27
N ASP A 30 -12.87 37.53 -5.07
CA ASP A 30 -12.88 38.74 -5.92
C ASP A 30 -11.60 38.68 -6.72
N THR A 31 -11.42 39.60 -7.69
CA THR A 31 -10.07 39.62 -8.31
C THR A 31 -9.53 41.05 -8.36
N ASP A 32 -8.21 41.14 -8.39
CA ASP A 32 -7.46 42.38 -8.43
C ASP A 32 -7.29 42.85 -9.87
N ASP A 33 -6.53 43.93 -10.07
CA ASP A 33 -6.46 44.52 -11.40
C ASP A 33 -5.84 43.61 -12.48
N THR A 34 -5.16 42.50 -12.11
CA THR A 34 -4.59 41.51 -13.06
C THR A 34 -5.48 40.27 -13.22
N ASN A 35 -6.68 40.32 -12.65
CA ASN A 35 -7.59 39.17 -12.59
C ASN A 35 -7.11 38.01 -11.68
N THR A 36 -6.14 38.28 -10.80
CA THR A 36 -5.77 37.33 -9.77
C THR A 36 -6.70 37.33 -8.54
N PRO A 37 -7.13 36.15 -8.12
CA PRO A 37 -8.00 36.05 -6.94
C PRO A 37 -7.46 36.71 -5.66
N ILE A 38 -8.38 37.47 -5.05
CA ILE A 38 -8.23 37.99 -3.66
C ILE A 38 -9.49 37.74 -2.82
N HIS A 39 -9.40 37.87 -1.49
CA HIS A 39 -10.56 37.72 -0.60
C HIS A 39 -11.16 36.34 -0.77
N ILE A 40 -10.34 35.32 -0.94
CA ILE A 40 -10.83 33.96 -1.12
C ILE A 40 -11.48 33.48 0.17
N GLU A 41 -12.73 33.01 0.08
CA GLU A 41 -13.40 32.43 1.23
C GLU A 41 -14.03 31.08 0.89
N GLU A 42 -13.86 30.08 1.77
CA GLU A 42 -14.56 28.81 1.61
C GLU A 42 -15.98 29.02 2.05
N ILE A 43 -16.95 28.81 1.15
CA ILE A 43 -18.35 28.92 1.51
C ILE A 43 -19.09 27.58 1.71
N TRP A 44 -18.45 26.49 1.27
CA TRP A 44 -19.00 25.15 1.47
C TRP A 44 -17.85 24.13 1.46
N ASN A 45 -18.00 23.08 2.28
CA ASN A 45 -17.02 22.02 2.41
C ASN A 45 -17.81 20.74 2.65
N LYS A 46 -17.39 19.64 2.03
CA LYS A 46 -18.00 18.35 2.33
C LYS A 46 -16.85 17.37 2.08
N LYS A 47 -16.70 16.39 2.96
CA LYS A 47 -15.55 15.44 2.90
C LYS A 47 -16.18 14.08 2.94
N ILE A 48 -15.80 13.17 2.05
CA ILE A 48 -16.29 11.78 2.11
C ILE A 48 -15.09 10.81 2.10
N LYS A 49 -15.34 9.56 2.55
CA LYS A 49 -14.31 8.49 2.46
C LYS A 49 -14.99 7.31 1.74
N PRO A 50 -14.21 6.37 1.18
CA PRO A 50 -12.76 6.35 1.13
C PRO A 50 -12.23 7.16 -0.08
N GLY A 51 -10.98 6.84 -0.49
CA GLY A 51 -10.30 7.51 -1.59
C GLY A 51 -10.99 7.15 -2.90
N PHE A 52 -11.12 8.13 -3.79
CA PHE A 52 -11.67 7.86 -5.12
C PHE A 52 -11.01 6.67 -5.83
N ALA A 53 -9.67 6.56 -5.71
CA ALA A 53 -8.93 5.50 -6.40
C ALA A 53 -9.19 4.20 -5.73
N SER A 54 -9.83 4.15 -4.57
CA SER A 54 -10.00 2.82 -3.93
CA SER A 54 -10.03 2.85 -3.86
C SER A 54 -11.28 2.14 -4.36
N ILE A 55 -12.18 2.90 -5.00
CA ILE A 55 -13.48 2.30 -5.38
C ILE A 55 -13.40 1.55 -6.73
N GLN A 56 -14.35 0.66 -6.98
CA GLN A 56 -14.37 -0.14 -8.19
C GLN A 56 -14.74 0.85 -9.30
N PRO A 57 -13.94 0.94 -10.38
CA PRO A 57 -14.18 1.94 -11.41
C PRO A 57 -15.31 1.56 -12.39
N ASN A 58 -16.54 1.79 -11.97
CA ASN A 58 -17.67 1.49 -12.83
C ASN A 58 -18.79 2.52 -12.69
N SER A 59 -19.71 2.48 -13.65
CA SER A 59 -20.95 3.24 -13.70
C SER A 59 -21.62 3.55 -12.36
N VAL A 60 -21.96 2.51 -11.61
CA VAL A 60 -22.83 2.62 -10.45
C VAL A 60 -22.08 3.18 -9.24
N THR A 61 -20.87 2.65 -8.98
CA THR A 61 -20.04 3.03 -7.81
C THR A 61 -19.66 4.50 -7.91
N ILE A 62 -19.27 4.94 -9.10
CA ILE A 62 -18.89 6.33 -9.37
C ILE A 62 -20.08 7.29 -9.25
N ASP A 63 -21.28 6.84 -9.65
CA ASP A 63 -22.46 7.68 -9.47
C ASP A 63 -22.76 7.90 -7.99
N ALA A 64 -22.63 6.82 -7.20
CA ALA A 64 -22.99 6.83 -5.78
C ALA A 64 -22.03 7.73 -5.02
N TYR A 65 -20.76 7.62 -5.37
CA TYR A 65 -19.67 8.42 -4.79
C TYR A 65 -19.81 9.91 -5.09
N LEU A 66 -19.93 10.26 -6.36
CA LEU A 66 -20.13 11.67 -6.76
C LEU A 66 -21.41 12.25 -6.18
N THR A 67 -22.51 11.48 -6.21
CA THR A 67 -23.76 11.93 -5.64
C THR A 67 -23.61 12.27 -4.15
N MET A 68 -22.92 11.40 -3.41
CA MET A 68 -22.65 11.67 -1.99
C MET A 68 -21.73 12.88 -1.79
N LEU A 69 -20.77 13.05 -2.68
CA LEU A 69 -19.87 14.15 -2.55
C LEU A 69 -20.55 15.50 -2.82
N LEU A 70 -21.48 15.51 -3.77
CA LEU A 70 -21.94 16.74 -4.40
C LEU A 70 -23.41 17.16 -4.17
N ALA A 71 -24.30 16.20 -3.96
CA ALA A 71 -25.74 16.52 -4.02
C ALA A 71 -26.22 17.70 -3.18
N ASP A 72 -25.83 17.72 -1.91
CA ASP A 72 -26.43 18.65 -0.93
C ASP A 72 -25.75 20.03 -0.95
N ALA A 73 -24.84 20.24 -1.90
CA ALA A 73 -24.11 21.50 -2.03
C ALA A 73 -25.10 22.64 -2.22
N PRO A 74 -24.96 23.71 -1.40
CA PRO A 74 -26.05 24.69 -1.34
C PRO A 74 -26.22 25.45 -2.66
N ILE A 75 -25.16 25.56 -3.43
CA ILE A 75 -25.25 26.10 -4.80
C ILE A 75 -24.54 25.19 -5.80
N HIS A 76 -25.11 25.15 -6.98
CA HIS A 76 -24.79 24.10 -7.94
C HIS A 76 -24.21 24.63 -9.23
N ASN A 77 -24.85 25.66 -9.81
CA ASN A 77 -24.43 26.15 -11.12
C ASN A 77 -23.11 26.91 -11.16
N ILE A 78 -22.01 26.23 -10.85
CA ILE A 78 -20.67 26.85 -10.86
C ILE A 78 -19.64 25.85 -11.44
N PRO A 79 -18.47 26.36 -11.87
CA PRO A 79 -17.36 25.59 -12.45
C PRO A 79 -16.72 24.62 -11.43
N VAL A 80 -16.45 23.38 -11.85
CA VAL A 80 -15.82 22.39 -10.96
C VAL A 80 -14.43 21.91 -11.47
N TYR A 81 -13.44 21.90 -10.59
CA TYR A 81 -12.12 21.28 -10.85
CA TYR A 81 -12.17 21.26 -10.89
C TYR A 81 -12.02 20.03 -9.97
N PHE A 82 -11.80 18.85 -10.56
CA PHE A 82 -11.66 17.63 -9.75
C PHE A 82 -10.20 17.16 -9.94
N TYR A 83 -9.37 17.29 -8.92
CA TYR A 83 -7.93 16.95 -9.07
C TYR A 83 -7.60 15.86 -8.07
N ALA A 84 -7.12 14.70 -8.57
CA ALA A 84 -6.74 13.55 -7.73
C ALA A 84 -5.23 13.65 -7.47
N THR A 85 -4.81 13.12 -6.34
CA THR A 85 -3.39 13.15 -5.97
C THR A 85 -2.83 11.72 -5.84
N ALA A 86 -2.10 11.41 -4.74
CA ALA A 86 -1.23 10.16 -4.78
C ALA A 86 -2.00 8.86 -4.85
N GLY A 87 -3.27 8.81 -4.36
CA GLY A 87 -3.98 7.51 -4.47
C GLY A 87 -4.14 7.12 -5.94
N MET A 88 -4.49 8.09 -6.81
CA MET A 88 -4.57 7.75 -8.24
C MET A 88 -3.21 7.51 -8.85
N ARG A 89 -2.17 8.15 -8.30
CA ARG A 89 -0.84 8.02 -8.89
CA ARG A 89 -0.80 8.01 -8.82
C ARG A 89 -0.26 6.61 -8.66
N LEU A 90 -0.85 5.87 -7.75
CA LEU A 90 -0.47 4.45 -7.56
C LEU A 90 -0.93 3.55 -8.66
N LEU A 91 -1.82 4.05 -9.52
CA LEU A 91 -2.41 3.28 -10.63
C LEU A 91 -1.84 3.71 -11.96
N PRO A 92 -1.69 2.77 -12.91
CA PRO A 92 -1.21 3.09 -14.26
C PRO A 92 -2.24 3.84 -15.01
N GLN A 93 -1.84 4.64 -16.01
CA GLN A 93 -2.74 5.59 -16.68
C GLN A 93 -3.92 4.80 -17.30
N SER A 94 -3.63 3.63 -17.85
CA SER A 94 -4.67 2.80 -18.44
C SER A 94 -5.79 2.46 -17.45
N GLN A 95 -5.46 2.26 -16.18
CA GLN A 95 -6.46 2.02 -15.16
C GLN A 95 -7.15 3.32 -14.63
N GLN A 96 -6.38 4.39 -14.51
CA GLN A 96 -6.94 5.68 -14.16
C GLN A 96 -8.03 6.12 -15.17
N LYS A 97 -7.80 5.83 -16.44
CA LYS A 97 -8.72 6.31 -17.50
C LYS A 97 -10.16 5.84 -17.26
N LYS A 98 -10.32 4.64 -16.68
CA LYS A 98 -11.65 4.09 -16.44
C LYS A 98 -12.40 5.02 -15.51
N TYR A 99 -11.72 5.49 -14.45
CA TYR A 99 -12.30 6.39 -13.46
C TYR A 99 -12.72 7.70 -14.13
N TYR A 100 -11.83 8.30 -14.91
CA TYR A 100 -12.13 9.61 -15.51
C TYR A 100 -13.19 9.54 -16.60
N ASP A 101 -13.27 8.39 -17.28
CA ASP A 101 -14.30 8.13 -18.28
C ASP A 101 -15.66 8.07 -17.60
N GLU A 102 -15.73 7.35 -16.49
CA GLU A 102 -16.99 7.30 -15.74
C GLU A 102 -17.36 8.64 -15.10
N LEU A 103 -16.37 9.32 -14.52
CA LEU A 103 -16.60 10.61 -13.93
C LEU A 103 -17.13 11.62 -14.97
N ASP A 104 -16.52 11.65 -16.16
CA ASP A 104 -17.01 12.49 -17.27
C ASP A 104 -18.51 12.28 -17.55
N TYR A 105 -18.88 11.00 -17.61
CA TYR A 105 -20.23 10.62 -18.00
C TYR A 105 -21.23 11.12 -16.95
N TRP A 106 -20.86 10.99 -15.68
CA TRP A 106 -21.73 11.43 -14.59
C TRP A 106 -22.03 12.94 -14.65
N PHE A 107 -21.01 13.77 -14.75
CA PHE A 107 -21.25 15.23 -14.92
C PHE A 107 -22.11 15.57 -16.13
N ARG A 108 -22.11 14.71 -17.15
CA ARG A 108 -22.98 14.90 -18.33
C ARG A 108 -24.46 14.55 -18.11
N GLN A 109 -24.77 13.74 -17.11
CA GLN A 109 -26.16 13.31 -16.88
C GLN A 109 -26.92 14.37 -16.10
N GLN A 110 -26.21 15.45 -15.76
CA GLN A 110 -26.73 16.55 -14.95
C GLN A 110 -26.36 17.90 -15.58
N SER A 111 -27.13 18.95 -15.26
CA SER A 111 -26.95 20.26 -15.93
C SER A 111 -26.72 21.43 -14.95
N GLN A 112 -26.38 21.07 -13.72
CA GLN A 112 -26.08 21.98 -12.63
C GLN A 112 -24.59 22.34 -12.67
N TRP A 113 -23.75 21.44 -12.13
CA TRP A 113 -22.26 21.55 -12.14
C TRP A 113 -21.68 21.69 -13.53
N GLN A 114 -20.71 22.57 -13.69
CA GLN A 114 -20.03 22.80 -14.96
C GLN A 114 -18.63 22.27 -14.80
N LEU A 115 -18.44 20.98 -15.06
CA LEU A 115 -17.11 20.38 -14.93
C LEU A 115 -16.15 21.03 -15.90
N VAL A 116 -15.07 21.57 -15.38
CA VAL A 116 -14.06 22.25 -16.17
C VAL A 116 -12.91 21.31 -16.46
N GLU A 117 -12.44 20.57 -15.44
CA GLU A 117 -11.33 19.63 -15.61
C GLU A 117 -11.40 18.57 -14.49
N ALA A 118 -10.98 17.35 -14.84
CA ALA A 118 -10.85 16.25 -13.84
C ALA A 118 -9.63 15.49 -14.29
N LYS A 119 -8.57 15.46 -13.48
CA LYS A 119 -7.31 14.82 -13.84
C LYS A 119 -6.52 14.50 -12.57
N THR A 120 -5.50 13.67 -12.74
CA THR A 120 -4.55 13.37 -11.69
C THR A 120 -3.43 14.41 -11.85
N ILE A 121 -3.09 15.11 -10.76
CA ILE A 121 -1.99 16.12 -10.80
C ILE A 121 -0.69 15.40 -10.27
N THR A 122 0.47 15.89 -10.67
CA THR A 122 1.71 15.28 -10.20
C THR A 122 1.93 15.77 -8.73
N GLY A 123 2.88 15.07 -8.09
CA GLY A 123 3.21 15.41 -6.72
C GLY A 123 3.86 16.79 -6.73
N ASN A 124 4.55 17.12 -7.84
CA ASN A 124 5.21 18.47 -7.91
C ASN A 124 4.16 19.58 -7.98
N ASP A 125 3.10 19.34 -8.75
CA ASP A 125 2.02 20.34 -8.76
C ASP A 125 1.32 20.41 -7.39
N GLU A 126 1.08 19.24 -6.79
CA GLU A 126 0.45 19.23 -5.50
C GLU A 126 1.31 20.07 -4.46
N ALA A 127 2.64 19.92 -4.52
CA ALA A 127 3.55 20.66 -3.63
C ALA A 127 3.45 22.14 -3.92
N LEU A 128 3.42 22.50 -5.22
CA LEU A 128 3.25 23.93 -5.53
C LEU A 128 1.93 24.45 -4.90
N PHE A 129 0.86 23.69 -5.04
CA PHE A 129 -0.44 24.22 -4.56
C PHE A 129 -0.43 24.23 -3.00
N ASP A 130 0.29 23.24 -2.44
CA ASP A 130 0.51 23.21 -0.97
C ASP A 130 1.11 24.56 -0.52
N TRP A 131 2.17 24.96 -1.18
CA TRP A 131 2.88 26.20 -0.78
C TRP A 131 1.96 27.44 -0.96
N LEU A 132 1.30 27.47 -2.09
CA LEU A 132 0.45 28.66 -2.38
C LEU A 132 -0.68 28.73 -1.39
N ALA A 133 -1.26 27.56 -1.04
CA ALA A 133 -2.45 27.59 -0.13
C ALA A 133 -2.05 28.10 1.26
N VAL A 134 -0.94 27.56 1.80
CA VAL A 134 -0.50 27.98 3.11
C VAL A 134 -0.09 29.44 3.13
N ASN A 135 0.72 29.86 2.15
CA ASN A 135 1.17 31.23 2.10
C ASN A 135 0.05 32.21 1.79
N TYR A 136 -0.96 31.76 1.06
CA TYR A 136 -2.12 32.61 0.94
C TYR A 136 -2.75 32.91 2.31
N LYS A 137 -2.97 31.86 3.10
CA LYS A 137 -3.61 32.00 4.41
C LYS A 137 -2.78 32.80 5.42
N LEU A 138 -1.44 32.70 5.30
CA LEU A 138 -0.50 33.48 6.10
C LEU A 138 -0.36 34.94 5.62
N ASP A 139 -0.94 35.24 4.46
CA ASP A 139 -0.78 36.57 3.83
C ASP A 139 0.66 36.97 3.54
N THR A 140 1.43 36.02 3.03
CA THR A 140 2.80 36.31 2.72
C THR A 140 3.07 36.46 1.22
N LEU A 141 2.06 36.26 0.38
CA LEU A 141 2.23 36.38 -1.08
C LEU A 141 2.28 37.81 -1.71
N LYS A 142 1.60 38.79 -1.12
CA LYS A 142 1.39 40.06 -1.80
C LYS A 142 2.53 41.03 -1.64
N SER A 143 3.53 40.63 -0.84
CA SER A 143 4.72 41.47 -0.61
C SER A 143 5.96 40.58 -0.44
N VAL A 144 7.13 41.14 -0.80
CA VAL A 144 8.39 40.36 -0.82
C VAL A 144 8.76 40.07 0.62
N GLN A 145 8.97 38.79 0.91
CA GLN A 145 9.19 38.35 2.27
C GLN A 145 10.63 38.43 2.68
N ASN A 146 10.82 38.79 3.95
CA ASN A 146 12.12 38.80 4.56
C ASN A 146 12.53 37.39 4.93
N LYS A 147 11.56 36.48 5.05
CA LYS A 147 11.81 35.22 5.71
C LYS A 147 11.38 34.12 4.74
N SER A 148 11.99 32.96 4.83
CA SER A 148 11.63 31.87 3.95
CA SER A 148 11.60 31.89 3.94
C SER A 148 10.66 30.95 4.67
N VAL A 149 9.56 30.63 4.00
CA VAL A 149 8.52 29.80 4.58
C VAL A 149 8.55 28.49 3.84
N GLY A 150 8.78 27.40 4.58
CA GLY A 150 8.66 26.05 3.95
C GLY A 150 7.36 25.37 4.35
N VAL A 151 6.83 24.52 3.48
CA VAL A 151 5.60 23.78 3.70
C VAL A 151 5.82 22.30 3.53
N MET A 152 5.22 21.53 4.43
CA MET A 152 5.23 20.06 4.30
C MET A 152 3.79 19.61 4.33
N ASP A 153 3.46 18.68 3.44
CA ASP A 153 2.13 18.12 3.41
C ASP A 153 2.23 16.62 3.64
N MET A 154 1.60 16.15 4.71
CA MET A 154 1.78 14.72 5.12
C MET A 154 0.54 13.96 4.67
N GLY A 155 0.56 13.27 3.51
CA GLY A 155 -0.63 12.58 3.02
C GLY A 155 -0.54 11.06 3.28
N GLY A 156 -1.52 10.36 2.73
CA GLY A 156 -1.67 8.93 3.00
C GLY A 156 -0.75 8.17 2.07
N ALA A 157 -0.53 8.63 0.85
CA ALA A 157 0.37 7.80 -0.07
C ALA A 157 1.58 8.62 -0.46
N SER A 158 1.52 9.98 -0.41
CA SER A 158 2.74 10.77 -0.63
C SER A 158 2.93 11.84 0.40
N VAL A 159 4.15 12.28 0.52
CA VAL A 159 4.45 13.52 1.30
C VAL A 159 5.12 14.48 0.37
N GLN A 160 4.77 15.75 0.56
CA GLN A 160 5.45 16.89 -0.21
C GLN A 160 6.27 17.80 0.69
N ILE A 161 7.34 18.34 0.12
CA ILE A 161 8.06 19.40 0.80
C ILE A 161 8.27 20.49 -0.25
N VAL A 162 8.27 21.73 0.17
CA VAL A 162 8.34 22.82 -0.82
C VAL A 162 8.92 24.02 -0.11
N PHE A 163 9.93 24.66 -0.71
CA PHE A 163 10.49 25.88 -0.07
C PHE A 163 11.11 26.77 -1.14
N PRO A 164 11.32 28.06 -0.84
CA PRO A 164 11.96 28.96 -1.81
C PRO A 164 13.39 28.51 -2.14
N MET A 165 13.74 28.59 -3.41
CA MET A 165 15.13 28.23 -3.84
C MET A 165 15.32 28.90 -5.22
N PRO A 166 16.39 29.69 -5.40
CA PRO A 166 16.66 30.25 -6.71
C PRO A 166 16.83 29.21 -7.81
N LYS A 167 16.49 29.56 -9.06
CA LYS A 167 16.67 28.55 -10.13
C LYS A 167 18.07 27.93 -10.10
N ASN A 168 18.12 26.63 -10.24
CA ASN A 168 19.37 25.89 -10.19
C ASN A 168 19.37 24.90 -11.34
N ALA A 169 20.13 25.23 -12.40
CA ALA A 169 20.09 24.43 -13.62
C ALA A 169 20.68 23.02 -13.47
N GLU A 170 21.25 22.73 -12.29
CA GLU A 170 21.77 21.39 -11.91
C GLU A 170 20.66 20.43 -11.48
N ILE A 171 19.48 20.98 -11.19
CA ILE A 171 18.41 20.22 -10.61
C ILE A 171 17.30 20.14 -11.65
N SER A 172 16.64 18.98 -11.69
CA SER A 172 15.55 18.72 -12.63
C SER A 172 14.60 19.91 -12.71
N LYS A 173 14.24 20.28 -13.92
CA LYS A 173 13.15 21.28 -14.09
C LYS A 173 11.81 20.91 -13.40
N HIS A 174 11.55 19.62 -13.25
CA HIS A 174 10.32 19.10 -12.63
C HIS A 174 10.24 19.48 -11.16
N ASN A 175 11.41 19.66 -10.53
CA ASN A 175 11.49 19.96 -9.08
C ASN A 175 11.60 21.47 -8.80
N GLN A 176 11.35 22.31 -9.80
CA GLN A 176 11.42 23.76 -9.64
C GLN A 176 10.26 24.43 -10.28
N VAL A 177 9.82 25.52 -9.65
CA VAL A 177 8.77 26.29 -10.26
CA VAL A 177 8.70 26.31 -10.17
C VAL A 177 9.00 27.78 -10.08
N GLU A 178 8.77 28.52 -11.16
CA GLU A 178 8.87 29.96 -11.09
C GLU A 178 7.47 30.49 -11.34
N LEU A 179 7.01 31.36 -10.47
CA LEU A 179 5.67 31.97 -10.67
C LEU A 179 5.81 33.44 -10.39
N ASN A 180 4.90 34.24 -10.95
CA ASN A 180 4.79 35.60 -10.55
C ASN A 180 3.37 35.82 -10.08
N ILE A 181 3.24 36.31 -8.86
CA ILE A 181 1.93 36.48 -8.29
C ILE A 181 1.96 37.74 -7.49
N TYR A 182 0.90 38.50 -7.64
CA TYR A 182 0.73 39.79 -7.00
C TYR A 182 1.93 40.72 -7.28
N GLY A 183 2.48 40.63 -8.48
CA GLY A 183 3.66 41.43 -8.88
C GLY A 183 4.99 40.92 -8.29
N GLN A 184 5.02 39.80 -7.60
CA GLN A 184 6.30 39.31 -7.14
C GLN A 184 6.71 37.99 -7.79
N ASN A 185 8.02 37.86 -8.02
CA ASN A 185 8.56 36.70 -8.74
C ASN A 185 9.04 35.71 -7.66
N ILE A 186 8.56 34.47 -7.63
CA ILE A 186 8.95 33.52 -6.59
C ILE A 186 9.50 32.25 -7.27
N ASN A 187 10.58 31.77 -6.70
CA ASN A 187 11.16 30.51 -7.19
C ASN A 187 11.16 29.48 -6.08
N LEU A 188 10.58 28.32 -6.38
CA LEU A 188 10.42 27.25 -5.39
C LEU A 188 11.07 25.94 -5.81
N TYR A 189 11.63 25.23 -4.84
CA TYR A 189 11.94 23.81 -5.02
C TYR A 189 10.68 23.05 -4.55
N VAL A 190 10.26 22.05 -5.34
CA VAL A 190 9.15 21.17 -4.96
C VAL A 190 9.61 19.71 -5.03
N HIS A 191 9.17 18.88 -4.09
CA HIS A 191 9.41 17.45 -4.22
C HIS A 191 8.30 16.66 -3.57
N SER A 192 7.97 15.51 -4.15
CA SER A 192 6.92 14.65 -3.58
C SER A 192 7.51 13.24 -3.53
N PHE A 193 7.31 12.53 -2.42
CA PHE A 193 7.83 11.16 -2.27
C PHE A 193 6.66 10.25 -2.25
N LEU A 194 6.47 9.55 -3.35
CA LEU A 194 5.32 8.59 -3.43
C LEU A 194 5.71 7.26 -2.77
N GLY A 195 4.84 6.74 -1.92
CA GLY A 195 5.18 5.55 -1.08
C GLY A 195 5.51 5.94 0.35
N LEU A 196 5.86 7.22 0.60
CA LEU A 196 6.20 7.68 1.97
C LEU A 196 5.03 8.34 2.74
N GLY A 197 3.87 8.35 2.13
CA GLY A 197 2.67 8.77 2.90
C GLY A 197 2.38 7.75 4.00
N GLN A 198 1.43 8.06 4.88
CA GLN A 198 1.18 7.34 6.13
CA GLN A 198 1.39 7.27 6.12
C GLN A 198 0.78 5.92 5.86
N THR A 199 -0.17 5.81 4.97
CA THR A 199 -0.80 4.48 4.77
C THR A 199 0.26 3.58 4.17
N GLU A 200 0.87 4.04 3.08
CA GLU A 200 1.79 3.22 2.31
C GLU A 200 3.05 2.81 3.15
N MET A 201 3.59 3.78 3.89
CA MET A 201 4.76 3.45 4.64
CA MET A 201 4.72 3.56 4.79
C MET A 201 4.37 2.52 5.82
N SER A 202 3.19 2.67 6.41
CA SER A 202 2.80 1.83 7.56
C SER A 202 2.81 0.35 7.13
N HIS A 203 2.43 0.08 5.89
CA HIS A 203 2.36 -1.31 5.41
C HIS A 203 3.71 -2.06 5.38
N GLN A 204 4.78 -1.31 5.63
CA GLN A 204 6.11 -1.97 5.73
C GLN A 204 6.49 -2.30 7.17
N PHE A 205 5.75 -1.81 8.18
CA PHE A 205 6.17 -1.92 9.60
C PHE A 205 5.09 -2.53 10.53
N LEU A 206 4.11 -3.22 9.95
CA LEU A 206 2.97 -3.69 10.81
C LEU A 206 3.44 -4.82 11.70
N ASN A 207 4.54 -5.52 11.32
CA ASN A 207 5.03 -6.53 12.25
C ASN A 207 6.32 -6.13 13.03
N SER A 208 6.51 -4.83 13.20
CA SER A 208 7.65 -4.32 13.99
C SER A 208 7.22 -4.07 15.41
N PRO A 209 7.59 -4.90 16.39
CA PRO A 209 7.11 -4.67 17.75
C PRO A 209 7.50 -3.32 18.33
N SER A 210 8.59 -2.71 17.87
CA SER A 210 9.01 -1.37 18.39
C SER A 210 8.05 -0.29 18.01
N CYS A 211 7.19 -0.55 17.02
CA CYS A 211 6.30 0.47 16.46
C CYS A 211 4.93 0.52 17.04
N PHE A 212 4.62 -0.36 18.02
CA PHE A 212 3.27 -0.49 18.58
C PHE A 212 3.36 -0.61 20.08
N ALA A 213 2.28 -0.25 20.76
CA ALA A 213 2.21 -0.36 22.21
C ALA A 213 2.45 -1.79 22.71
N ASN A 214 2.83 -1.85 23.97
CA ASN A 214 3.12 -3.19 24.54
C ASN A 214 1.90 -4.07 24.42
N ASP A 215 2.11 -5.32 23.99
CA ASP A 215 1.02 -6.29 23.87
C ASP A 215 -0.01 -6.01 22.77
N TYR A 216 0.19 -4.98 21.96
CA TYR A 216 -0.64 -4.80 20.75
C TYR A 216 -0.51 -6.05 19.85
N PRO A 217 -1.60 -6.65 19.41
CA PRO A 217 -1.53 -7.93 18.64
C PRO A 217 -1.12 -7.62 17.18
N LEU A 218 0.14 -7.84 16.83
CA LEU A 218 0.60 -7.60 15.47
C LEU A 218 0.02 -8.73 14.55
N PRO A 219 -0.14 -8.43 13.27
CA PRO A 219 -0.88 -9.36 12.39
C PRO A 219 -0.27 -10.74 12.32
N ASP A 220 1.04 -10.88 12.46
CA ASP A 220 1.56 -12.24 12.28
C ASP A 220 1.83 -12.94 13.57
N GLY A 221 1.20 -12.48 14.65
CA GLY A 221 1.11 -13.19 15.88
C GLY A 221 2.05 -12.76 16.99
N GLU A 222 3.04 -11.91 16.70
CA GLU A 222 3.93 -11.40 17.75
C GLU A 222 3.22 -10.24 18.48
N SER A 223 3.82 -9.82 19.59
CA SER A 223 3.24 -8.73 20.41
C SER A 223 4.03 -7.46 20.27
N GLY A 224 3.33 -6.33 20.29
CA GLY A 224 3.98 -5.02 20.39
C GLY A 224 4.94 -4.95 21.58
N GLN A 225 5.98 -4.11 21.45
CA GLN A 225 6.91 -3.83 22.53
CA GLN A 225 6.89 -3.82 22.53
C GLN A 225 7.53 -2.48 22.16
N GLY A 226 6.76 -1.44 22.36
CA GLY A 226 7.06 -0.17 21.71
C GLY A 226 8.30 0.51 22.21
N ASN A 227 8.92 1.22 21.26
CA ASN A 227 10.09 2.00 21.66
C ASN A 227 10.37 2.95 20.52
N ALA A 228 9.99 4.19 20.73
CA ALA A 228 9.97 5.12 19.57
C ALA A 228 11.34 5.33 18.92
N PRO A 229 12.46 5.42 19.69
CA PRO A 229 13.77 5.61 19.01
C PRO A 229 14.09 4.45 18.09
N SER A 230 13.67 3.26 18.49
CA SER A 230 13.87 2.04 17.70
CA SER A 230 13.95 2.11 17.67
C SER A 230 12.98 2.06 16.46
N CYS A 231 11.70 2.36 16.67
CA CYS A 231 10.79 2.36 15.54
C CYS A 231 11.26 3.44 14.53
N LYS A 232 11.62 4.61 15.06
CA LYS A 232 12.13 5.67 14.20
C LYS A 232 13.33 5.25 13.37
N GLU A 233 14.27 4.47 13.91
CA GLU A 233 15.38 3.98 13.12
C GLU A 233 14.92 3.02 11.99
N GLU A 234 13.93 2.18 12.27
CA GLU A 234 13.36 1.36 11.19
C GLU A 234 12.76 2.18 10.06
N VAL A 235 12.02 3.20 10.44
CA VAL A 235 11.39 4.07 9.43
C VAL A 235 12.45 4.83 8.64
N THR A 236 13.49 5.29 9.32
CA THR A 236 14.61 5.99 8.65
C THR A 236 15.24 5.14 7.54
N SER A 237 15.28 3.82 7.75
CA SER A 237 15.87 2.93 6.70
CA SER A 237 15.85 2.94 6.70
C SER A 237 15.04 3.04 5.40
N LEU A 238 13.72 3.10 5.51
CA LEU A 238 12.89 3.31 4.35
C LEU A 238 13.09 4.71 3.73
N MET A 239 13.20 5.74 4.57
CA MET A 239 13.40 7.15 4.12
CA MET A 239 13.31 7.04 3.98
C MET A 239 14.68 7.28 3.36
N ASN A 240 15.74 6.72 3.94
CA ASN A 240 17.05 7.06 3.45
C ASN A 240 17.73 5.95 2.64
N SER A 241 17.63 4.70 3.09
CA SER A 241 18.23 3.57 2.32
C SER A 241 17.48 3.33 1.04
N VAL A 242 16.17 3.48 1.10
CA VAL A 242 15.34 3.29 -0.08
C VAL A 242 15.10 4.54 -0.87
N HIS A 243 14.42 5.51 -0.27
CA HIS A 243 14.07 6.70 -1.04
C HIS A 243 15.19 7.77 -1.13
N LYS A 244 16.29 7.61 -0.38
CA LYS A 244 17.34 8.68 -0.41
C LYS A 244 16.81 10.06 -0.10
N VAL A 245 15.91 10.16 0.88
CA VAL A 245 15.33 11.50 1.18
C VAL A 245 16.47 12.48 1.62
N ASN A 246 17.30 12.04 2.56
CA ASN A 246 18.40 12.81 3.08
CA ASN A 246 18.33 12.93 3.10
C ASN A 246 19.27 13.40 2.00
N GLN A 247 19.72 12.49 1.12
CA GLN A 247 20.66 12.86 0.08
C GLN A 247 20.08 13.88 -0.89
N GLN A 248 18.76 13.81 -1.07
CA GLN A 248 18.09 14.70 -2.04
C GLN A 248 17.78 16.04 -1.40
N ILE A 249 17.33 16.05 -0.15
CA ILE A 249 16.77 17.26 0.43
C ILE A 249 17.76 18.06 1.27
N GLN A 250 18.56 17.38 2.09
CA GLN A 250 19.45 18.10 3.06
CA GLN A 250 19.40 18.11 3.03
C GLN A 250 20.39 19.10 2.40
N PRO A 251 20.97 18.76 1.24
CA PRO A 251 21.94 19.76 0.72
C PRO A 251 21.24 21.01 0.22
N LEU A 252 20.02 20.83 -0.25
CA LEU A 252 19.27 22.03 -0.74
C LEU A 252 18.82 22.87 0.46
N LEU A 253 18.39 22.23 1.56
CA LEU A 253 18.00 23.08 2.73
C LEU A 253 19.21 23.71 3.38
N ALA A 254 20.37 23.04 3.35
CA ALA A 254 21.58 23.69 3.94
C ALA A 254 21.85 25.01 3.25
N LEU A 255 21.70 25.01 1.94
CA LEU A 255 22.01 26.18 1.17
C LEU A 255 20.86 27.16 1.05
N ASN A 256 19.65 26.68 1.34
CA ASN A 256 18.46 27.55 1.25
C ASN A 256 17.63 27.45 2.52
N PRO A 257 18.16 27.96 3.65
CA PRO A 257 17.42 27.64 4.89
C PRO A 257 16.04 28.24 4.97
N VAL A 258 15.20 27.47 5.63
CA VAL A 258 13.83 27.83 5.92
C VAL A 258 13.80 28.43 7.30
N ASN A 259 13.16 29.57 7.42
CA ASN A 259 13.01 30.19 8.71
C ASN A 259 11.74 29.76 9.46
N GLU A 260 10.67 29.39 8.73
CA GLU A 260 9.40 29.05 9.36
CA GLU A 260 9.40 29.07 9.34
C GLU A 260 8.86 27.87 8.61
N TRP A 261 8.55 26.82 9.34
CA TRP A 261 7.96 25.64 8.73
C TRP A 261 6.51 25.50 9.07
N TYR A 262 5.71 25.16 8.06
CA TYR A 262 4.31 24.87 8.32
C TYR A 262 3.98 23.50 7.76
N SER A 263 3.15 22.74 8.47
CA SER A 263 2.72 21.44 7.99
C SER A 263 1.22 21.33 7.94
N ILE A 264 0.77 20.61 6.91
CA ILE A 264 -0.64 20.26 6.80
C ILE A 264 -0.74 18.75 6.61
N GLY A 265 -1.99 18.26 6.66
CA GLY A 265 -2.18 16.78 6.45
C GLY A 265 -2.20 16.08 7.76
N GLY A 266 -1.79 14.81 7.80
CA GLY A 266 -2.18 14.02 8.98
C GLY A 266 -1.59 14.49 10.29
N ILE A 267 -0.44 15.14 10.21
CA ILE A 267 0.27 15.57 11.41
C ILE A 267 -0.63 16.56 12.22
N SER A 268 -1.46 17.35 11.54
CA SER A 268 -2.38 18.30 12.18
C SER A 268 -3.36 17.56 13.04
N ASN A 269 -3.93 16.49 12.50
CA ASN A 269 -4.85 15.65 13.28
C ASN A 269 -4.15 14.99 14.48
N LEU A 270 -3.00 14.40 14.29
N LEU A 270 -2.96 14.42 14.25
CA LEU A 270 -2.35 13.74 15.39
CA LEU A 270 -2.14 13.72 15.27
C LEU A 270 -2.04 14.78 16.49
C LEU A 270 -1.76 14.64 16.43
N ALA A 271 -1.40 15.89 16.09
CA ALA A 271 -1.00 16.91 17.09
C ALA A 271 -2.19 17.45 17.88
N SER A 272 -3.37 17.46 17.24
CA SER A 272 -4.63 18.00 17.77
C SER A 272 -5.42 16.98 18.58
N SER A 273 -4.98 15.73 18.57
CA SER A 273 -5.74 14.65 19.20
C SER A 273 -5.69 14.74 20.74
N GLN A 274 -6.45 13.89 21.39
CA GLN A 274 -6.51 13.88 22.85
C GLN A 274 -5.20 13.36 23.48
N LEU A 275 -4.44 12.62 22.71
CA LEU A 275 -3.24 11.96 23.24
C LEU A 275 -2.00 12.81 23.38
N PHE A 276 -1.89 13.81 22.50
CA PHE A 276 -0.73 14.67 22.43
C PHE A 276 -1.08 16.06 22.92
N HIS A 277 -0.10 16.74 23.49
CA HIS A 277 -0.31 18.09 24.04
C HIS A 277 0.66 19.12 23.46
N PHE A 278 0.13 20.05 22.65
CA PHE A 278 0.94 21.06 22.08
C PHE A 278 0.24 22.36 22.17
N GLU A 279 1.03 23.41 22.37
CA GLU A 279 0.53 24.78 22.53
C GLU A 279 0.69 25.54 21.21
N ASN A 280 -0.19 26.51 20.97
CA ASN A 280 0.02 27.49 19.88
C ASN A 280 0.08 26.86 18.47
N SER A 281 -0.56 25.70 18.33
CA SER A 281 -0.65 24.96 17.05
CA SER A 281 -0.65 24.96 17.08
C SER A 281 0.74 24.81 16.47
N GLU A 282 1.71 24.49 17.34
CA GLU A 282 3.03 24.16 16.88
C GLU A 282 3.66 23.05 17.75
N LEU A 283 4.64 22.38 17.18
CA LEU A 283 5.31 21.24 17.83
C LEU A 283 6.78 21.29 17.54
N THR A 284 7.54 20.45 18.27
CA THR A 284 8.89 20.14 17.87
C THR A 284 8.98 18.64 17.68
N ASN A 285 9.91 18.21 16.83
CA ASN A 285 10.04 16.78 16.62
C ASN A 285 10.49 16.08 17.91
N GLN A 286 11.39 16.72 18.65
CA GLN A 286 11.79 16.13 19.91
CA GLN A 286 11.82 16.28 19.99
C GLN A 286 10.63 15.90 20.88
N SER A 287 9.69 16.84 20.96
CA SER A 287 8.58 16.65 21.86
C SER A 287 7.62 15.61 21.31
N LEU A 288 7.42 15.60 19.99
CA LEU A 288 6.56 14.63 19.34
C LEU A 288 7.05 13.19 19.59
N LEU A 289 8.35 12.97 19.48
CA LEU A 289 8.89 11.58 19.65
C LEU A 289 8.79 11.20 21.14
N GLN A 290 9.15 12.12 22.04
CA GLN A 290 9.11 11.79 23.46
CA GLN A 290 9.05 11.89 23.51
C GLN A 290 7.65 11.51 23.88
N GLN A 291 6.70 12.31 23.41
CA GLN A 291 5.31 12.12 23.81
C GLN A 291 4.82 10.78 23.23
N GLY A 292 5.17 10.43 21.97
CA GLY A 292 4.70 9.15 21.41
C GLY A 292 5.34 8.01 22.21
N ASP A 293 6.63 8.13 22.54
CA ASP A 293 7.33 7.10 23.28
C ASP A 293 6.68 6.81 24.62
N ASN A 294 6.38 7.87 25.39
CA ASN A 294 5.85 7.68 26.72
C ASN A 294 4.34 7.48 26.79
N GLN A 295 3.60 8.16 25.92
CA GLN A 295 2.13 8.12 26.03
C GLN A 295 1.51 6.97 25.24
N ILE A 296 2.29 6.37 24.31
CA ILE A 296 1.77 5.23 23.50
C ILE A 296 2.74 4.03 23.49
N CYS A 297 3.97 4.26 23.03
CA CYS A 297 4.87 3.09 22.77
C CYS A 297 5.06 2.21 24.01
N HIS A 298 5.30 2.85 25.16
CA HIS A 298 5.59 2.15 26.41
C HIS A 298 4.36 1.90 27.28
N GLN A 299 3.16 2.08 26.73
CA GLN A 299 1.93 1.75 27.45
C GLN A 299 1.43 0.34 27.08
N GLN A 300 0.55 -0.18 27.95
CA GLN A 300 -0.06 -1.50 27.70
CA GLN A 300 -0.08 -1.49 27.76
C GLN A 300 -1.25 -1.23 26.80
N TRP A 301 -1.32 -1.95 25.69
CA TRP A 301 -2.32 -1.63 24.68
C TRP A 301 -3.76 -1.70 25.20
N ASP A 302 -4.14 -2.81 25.86
CA ASP A 302 -5.54 -2.96 26.28
CA ASP A 302 -5.55 -2.93 26.25
C ASP A 302 -5.90 -1.81 27.20
N ILE A 303 -4.97 -1.41 28.05
CA ILE A 303 -5.25 -0.32 29.04
C ILE A 303 -5.44 0.98 28.27
N LEU A 304 -4.52 1.27 27.38
CA LEU A 304 -4.57 2.51 26.64
C LEU A 304 -5.82 2.61 25.74
N ASN A 305 -6.12 1.51 25.03
CA ASN A 305 -7.33 1.44 24.20
C ASN A 305 -8.59 1.70 25.01
N GLY A 306 -8.66 1.23 26.25
CA GLY A 306 -9.83 1.46 27.10
C GLY A 306 -9.92 2.91 27.60
N GLN A 307 -8.75 3.55 27.77
CA GLN A 307 -8.70 4.93 28.31
C GLN A 307 -9.10 5.90 27.21
N TYR A 308 -8.79 5.57 25.96
CA TYR A 308 -9.09 6.45 24.84
C TYR A 308 -9.95 5.84 23.73
N PRO A 309 -11.24 5.63 24.02
CA PRO A 309 -12.15 4.85 23.14
C PRO A 309 -12.47 5.51 21.81
N ASP A 310 -12.22 6.79 21.65
CA ASP A 310 -12.87 7.39 20.50
C ASP A 310 -11.86 7.88 19.52
N ASP A 311 -10.83 7.07 19.27
CA ASP A 311 -9.82 7.51 18.36
C ASP A 311 -9.34 6.35 17.53
N GLU A 312 -9.72 6.30 16.26
CA GLU A 312 -9.45 5.12 15.42
C GLU A 312 -8.01 5.05 14.99
N TYR A 313 -7.27 6.14 15.17
CA TYR A 313 -5.85 6.15 14.81
C TYR A 313 -4.97 5.79 16.03
N LEU A 314 -5.60 5.62 17.19
CA LEU A 314 -4.81 5.42 18.44
C LEU A 314 -3.75 4.35 18.23
N TYR A 315 -4.10 3.19 17.64
CA TYR A 315 -3.14 2.07 17.65
C TYR A 315 -1.92 2.41 16.84
N GLN A 316 -1.99 3.43 15.98
CA GLN A 316 -0.87 3.74 15.08
C GLN A 316 -0.02 4.88 15.65
N TYR A 317 -0.36 5.42 16.80
CA TYR A 317 0.35 6.67 17.26
C TYR A 317 1.85 6.46 17.64
N CYS A 318 2.27 5.25 18.08
CA CYS A 318 3.70 5.00 18.33
C CYS A 318 4.43 5.07 17.00
N LEU A 319 3.86 4.41 16.01
CA LEU A 319 4.42 4.43 14.66
C LEU A 319 4.45 5.84 14.03
N LEU A 320 3.36 6.54 14.17
CA LEU A 320 3.27 7.83 13.43
C LEU A 320 4.21 8.84 14.03
N SER A 321 4.24 8.93 15.35
CA SER A 321 5.21 9.79 16.06
CA SER A 321 5.16 9.91 15.94
C SER A 321 6.64 9.54 15.57
N SER A 322 6.96 8.24 15.48
CA SER A 322 8.28 7.80 15.07
C SER A 322 8.55 8.16 13.61
N TYR A 323 7.54 7.93 12.80
CA TYR A 323 7.60 8.18 11.35
C TYR A 323 7.76 9.69 11.07
N TYR A 324 6.99 10.58 11.72
CA TYR A 324 7.17 12.01 11.41
CA TYR A 324 7.20 11.98 11.39
C TYR A 324 8.58 12.49 11.77
N TYR A 325 9.13 11.94 12.89
CA TYR A 325 10.48 12.28 13.32
C TYR A 325 11.50 11.76 12.31
N ALA A 326 11.31 10.50 11.88
CA ALA A 326 12.25 9.97 10.86
C ALA A 326 12.23 10.83 9.57
N LEU A 327 11.06 11.20 9.16
CA LEU A 327 10.88 11.98 7.91
C LEU A 327 11.52 13.39 8.04
N MET A 328 11.08 14.11 9.06
CA MET A 328 11.53 15.50 9.24
C MET A 328 12.99 15.64 9.65
N VAL A 329 13.43 14.84 10.63
CA VAL A 329 14.71 15.04 11.24
C VAL A 329 15.74 14.22 10.44
N ASP A 330 15.51 12.90 10.34
CA ASP A 330 16.53 12.07 9.66
C ASP A 330 16.45 12.22 8.11
N GLY A 331 15.27 12.51 7.58
CA GLY A 331 15.06 12.69 6.13
C GLY A 331 15.43 14.12 5.78
N TYR A 332 14.59 15.07 6.14
CA TYR A 332 14.82 16.43 5.66
C TYR A 332 16.03 17.13 6.35
N GLY A 333 16.48 16.59 7.49
CA GLY A 333 17.59 17.22 8.29
C GLY A 333 17.16 18.40 9.18
N ILE A 334 15.87 18.51 9.44
CA ILE A 334 15.41 19.63 10.32
C ILE A 334 15.86 19.34 11.75
N ASN A 335 16.26 20.38 12.49
CA ASN A 335 16.70 20.16 13.85
C ASN A 335 15.53 19.67 14.74
N PRO A 336 15.77 18.72 15.65
CA PRO A 336 14.63 18.23 16.44
C PRO A 336 13.95 19.24 17.38
N ASN A 337 14.60 20.37 17.66
CA ASN A 337 14.04 21.44 18.52
C ASN A 337 13.47 22.60 17.72
N GLN A 338 13.54 22.49 16.39
CA GLN A 338 12.99 23.53 15.55
C GLN A 338 11.44 23.47 15.61
N THR A 339 10.82 24.64 15.83
CA THR A 339 9.36 24.71 15.76
C THR A 339 8.78 24.36 14.39
N ILE A 340 7.75 23.52 14.41
CA ILE A 340 6.96 23.19 13.24
C ILE A 340 5.53 23.61 13.53
N HIS A 341 5.03 24.60 12.78
CA HIS A 341 3.63 25.01 12.91
C HIS A 341 2.79 24.02 12.14
N TYR A 342 1.62 23.68 12.69
CA TYR A 342 0.68 22.82 11.92
C TYR A 342 -0.65 23.56 11.88
N ILE A 343 -1.38 23.43 10.77
CA ILE A 343 -2.59 24.20 10.58
C ILE A 343 -3.69 23.45 11.32
N PRO A 344 -4.47 24.12 12.17
CA PRO A 344 -5.53 23.41 12.90
C PRO A 344 -6.45 22.65 11.92
N PRO A 345 -6.80 21.39 12.22
CA PRO A 345 -7.63 20.63 11.24
C PRO A 345 -9.01 21.30 10.99
N GLU A 346 -9.55 21.98 11.99
CA GLU A 346 -10.87 22.61 11.79
C GLU A 346 -10.87 23.65 10.65
N GLN A 347 -9.70 24.17 10.28
CA GLN A 347 -9.60 25.18 9.22
C GLN A 347 -9.77 24.64 7.82
N ASN A 348 -9.75 23.33 7.66
CA ASN A 348 -10.02 22.78 6.33
C ASN A 348 -9.06 23.23 5.25
N LEU A 349 -7.80 23.44 5.63
CA LEU A 349 -6.84 23.94 4.67
C LEU A 349 -6.15 22.80 3.95
N ASP A 350 -6.42 22.66 2.66
CA ASP A 350 -5.59 21.72 1.91
C ASP A 350 -5.00 22.55 0.76
N TRP A 351 -4.44 21.93 -0.24
CA TRP A 351 -3.83 22.65 -1.34
C TRP A 351 -4.82 23.28 -2.35
N THR A 352 -6.13 23.06 -2.18
CA THR A 352 -7.03 23.46 -3.22
C THR A 352 -7.10 25.02 -3.35
N ILE A 353 -6.72 25.79 -2.31
CA ILE A 353 -6.70 27.31 -2.54
C ILE A 353 -5.63 27.60 -3.57
N GLY A 354 -4.58 26.77 -3.58
CA GLY A 354 -3.53 26.88 -4.61
C GLY A 354 -4.03 26.86 -6.04
N VAL A 355 -5.07 26.04 -6.32
CA VAL A 355 -5.68 25.99 -7.66
C VAL A 355 -6.41 27.26 -8.01
N VAL A 356 -7.13 27.80 -7.01
CA VAL A 356 -7.88 29.04 -7.17
C VAL A 356 -6.90 30.08 -7.66
N LEU A 357 -5.71 30.13 -7.04
CA LEU A 357 -4.78 31.23 -7.45
C LEU A 357 -4.03 30.93 -8.74
N HIS A 358 -3.47 29.71 -8.84
CA HIS A 358 -2.47 29.40 -9.92
C HIS A 358 -3.08 29.44 -11.34
N ARG A 359 -4.35 29.07 -11.47
CA ARG A 359 -5.10 29.10 -12.74
CA ARG A 359 -4.98 29.05 -12.77
C ARG A 359 -5.19 30.50 -13.37
N ALA A 360 -4.99 31.55 -12.54
CA ALA A 360 -5.05 32.93 -13.03
C ALA A 360 -3.69 33.53 -13.42
N LEU A 361 -2.60 32.79 -13.15
CA LEU A 361 -1.22 33.31 -13.20
C LEU A 361 -0.60 33.51 -14.60
N ASN B 4 -23.76 -35.37 -8.40
CA ASN B 4 -23.13 -34.75 -7.19
C ASN B 4 -22.14 -35.65 -6.43
N PRO B 5 -20.84 -35.37 -6.56
CA PRO B 5 -19.81 -36.16 -5.85
C PRO B 5 -19.95 -36.12 -4.32
N CYS B 6 -20.60 -35.10 -3.82
CA CYS B 6 -20.72 -34.86 -2.38
C CYS B 6 -21.80 -35.69 -1.74
N GLU B 7 -22.58 -36.41 -2.56
CA GLU B 7 -23.48 -37.41 -2.01
C GLU B 7 -22.73 -38.71 -1.73
N LYS B 8 -21.53 -38.86 -2.27
CA LYS B 8 -20.74 -40.06 -2.08
C LYS B 8 -19.37 -39.81 -1.47
N HIS B 9 -18.98 -38.53 -1.32
CA HIS B 9 -17.69 -38.24 -0.73
C HIS B 9 -17.84 -37.01 0.19
N SER B 10 -16.89 -36.86 1.11
CA SER B 10 -16.84 -35.61 1.93
C SER B 10 -16.52 -34.44 1.04
N CYS B 11 -17.22 -33.32 1.21
CA CYS B 11 -16.89 -32.08 0.49
C CYS B 11 -16.87 -30.92 1.40
N ILE B 12 -15.89 -30.07 1.18
CA ILE B 12 -15.91 -28.75 1.82
C ILE B 12 -15.54 -27.70 0.81
N ALA B 13 -15.99 -26.48 1.14
CA ALA B 13 -15.62 -25.24 0.40
C ALA B 13 -14.63 -24.44 1.20
N VAL B 14 -13.54 -24.04 0.52
CA VAL B 14 -12.51 -23.21 1.14
C VAL B 14 -12.35 -21.98 0.23
N ILE B 15 -12.35 -20.79 0.85
CA ILE B 15 -12.21 -19.53 0.07
C ILE B 15 -10.91 -18.90 0.52
N ASP B 16 -10.09 -18.65 -0.48
CA ASP B 16 -8.83 -17.95 -0.29
C ASP B 16 -9.22 -16.51 -0.55
N ALA B 17 -9.33 -15.72 0.51
CA ALA B 17 -9.61 -14.29 0.36
C ALA B 17 -8.30 -13.48 0.40
N GLY B 18 -7.65 -13.42 -0.78
CA GLY B 18 -6.38 -12.75 -0.92
C GLY B 18 -6.43 -11.27 -1.15
N SER B 19 -5.25 -10.65 -1.25
CA SER B 19 -5.16 -9.19 -1.36
C SER B 19 -5.72 -8.71 -2.69
N THR B 20 -5.60 -9.48 -3.76
CA THR B 20 -6.08 -9.01 -5.08
C THR B 20 -7.37 -9.68 -5.55
N GLY B 21 -7.86 -10.64 -4.77
CA GLY B 21 -9.07 -11.34 -5.24
C GLY B 21 -9.43 -12.45 -4.28
N SER B 22 -10.63 -13.03 -4.46
CA SER B 22 -11.03 -14.18 -3.63
C SER B 22 -11.25 -15.34 -4.57
N ARG B 23 -10.86 -16.53 -4.12
CA ARG B 23 -11.02 -17.76 -4.94
C ARG B 23 -11.77 -18.80 -4.10
N LEU B 24 -12.95 -19.17 -4.59
CA LEU B 24 -13.71 -20.27 -4.00
C LEU B 24 -13.25 -21.60 -4.62
N HIS B 25 -12.96 -22.61 -3.79
CA HIS B 25 -12.67 -23.96 -4.27
C HIS B 25 -13.61 -24.87 -3.53
N ILE B 26 -14.25 -25.81 -4.26
CA ILE B 26 -14.98 -26.88 -3.58
C ILE B 26 -14.18 -28.16 -3.80
N TYR B 27 -13.84 -28.84 -2.70
CA TYR B 27 -13.06 -30.09 -2.82
C TYR B 27 -13.90 -31.28 -2.37
N SER B 28 -13.74 -32.39 -3.08
CA SER B 28 -14.30 -33.64 -2.61
C SER B 28 -13.11 -34.47 -2.15
N TYR B 29 -13.30 -35.31 -1.14
CA TYR B 29 -12.21 -36.19 -0.74
C TYR B 29 -12.75 -37.38 0.01
N ASP B 30 -11.90 -38.39 0.09
CA ASP B 30 -12.16 -39.48 1.00
C ASP B 30 -11.22 -39.39 2.18
N THR B 31 -11.35 -40.31 3.14
CA THR B 31 -10.38 -40.34 4.25
C THR B 31 -9.79 -41.69 4.51
N ASP B 32 -8.57 -41.69 5.04
CA ASP B 32 -7.89 -42.96 5.32
C ASP B 32 -8.31 -43.43 6.72
N ASP B 33 -7.64 -44.43 7.30
CA ASP B 33 -8.07 -44.94 8.59
C ASP B 33 -7.94 -44.04 9.80
N THR B 34 -7.29 -42.89 9.65
CA THR B 34 -7.06 -41.94 10.72
C THR B 34 -7.98 -40.75 10.51
N ASN B 35 -8.88 -40.89 9.55
CA ASN B 35 -9.75 -39.79 9.12
C ASN B 35 -9.01 -38.62 8.40
N THR B 36 -7.81 -38.89 7.88
CA THR B 36 -7.05 -37.90 7.11
C THR B 36 -7.46 -37.94 5.63
N PRO B 37 -7.69 -36.75 5.04
CA PRO B 37 -8.15 -36.70 3.64
C PRO B 37 -7.16 -37.29 2.64
N ILE B 38 -7.71 -38.02 1.68
CA ILE B 38 -6.99 -38.59 0.55
C ILE B 38 -7.84 -38.38 -0.68
N HIS B 39 -7.28 -38.57 -1.88
CA HIS B 39 -8.02 -38.39 -3.13
C HIS B 39 -8.73 -37.05 -3.20
N ILE B 40 -8.01 -35.98 -2.90
CA ILE B 40 -8.65 -34.66 -2.85
C ILE B 40 -8.86 -34.16 -4.28
N GLU B 41 -10.09 -33.78 -4.66
CA GLU B 41 -10.30 -33.33 -6.04
C GLU B 41 -11.01 -32.02 -6.01
N GLU B 42 -10.55 -31.04 -6.79
CA GLU B 42 -11.27 -29.79 -6.89
C GLU B 42 -12.42 -30.04 -7.86
N ILE B 43 -13.64 -29.82 -7.41
CA ILE B 43 -14.81 -30.06 -8.27
C ILE B 43 -15.46 -28.76 -8.76
N TRP B 44 -15.04 -27.64 -8.19
CA TRP B 44 -15.53 -26.30 -8.59
C TRP B 44 -14.53 -25.25 -8.16
N ASN B 45 -14.37 -24.21 -9.00
CA ASN B 45 -13.45 -23.10 -8.68
C ASN B 45 -14.18 -21.89 -9.20
N LYS B 46 -14.17 -20.78 -8.46
CA LYS B 46 -14.61 -19.52 -8.99
C LYS B 46 -13.73 -18.42 -8.39
N LYS B 47 -13.22 -17.55 -9.26
CA LYS B 47 -12.37 -16.44 -8.78
C LYS B 47 -13.04 -15.07 -9.10
N ILE B 48 -13.00 -14.13 -8.16
CA ILE B 48 -13.50 -12.78 -8.40
C ILE B 48 -12.49 -11.76 -7.89
N LYS B 49 -12.65 -10.51 -8.37
CA LYS B 49 -11.82 -9.38 -7.91
C LYS B 49 -12.80 -8.25 -7.53
N PRO B 50 -12.33 -7.24 -6.74
CA PRO B 50 -10.97 -7.14 -6.20
C PRO B 50 -10.85 -7.92 -4.88
N GLY B 51 -9.84 -7.66 -4.05
CA GLY B 51 -9.75 -8.36 -2.75
C GLY B 51 -10.85 -7.97 -1.77
N PHE B 52 -11.24 -8.88 -0.89
CA PHE B 52 -12.32 -8.61 0.07
C PHE B 52 -12.01 -7.36 0.94
N ALA B 53 -10.74 -7.18 1.33
CA ALA B 53 -10.37 -6.07 2.21
C ALA B 53 -10.47 -4.73 1.49
N SER B 54 -10.63 -4.74 0.16
CA SER B 54 -10.63 -3.52 -0.62
CA SER B 54 -10.62 -3.52 -0.63
C SER B 54 -12.06 -3.00 -0.77
N ILE B 55 -13.06 -3.81 -0.45
CA ILE B 55 -14.45 -3.28 -0.57
C ILE B 55 -14.91 -2.50 0.69
N GLN B 56 -15.95 -1.66 0.61
CA GLN B 56 -16.40 -0.99 1.81
C GLN B 56 -17.26 -2.01 2.54
N PRO B 57 -17.12 -2.09 3.86
CA PRO B 57 -17.88 -3.15 4.50
C PRO B 57 -19.31 -2.77 4.89
N ASN B 58 -20.32 -3.01 4.05
CA ASN B 58 -21.71 -2.82 4.46
C ASN B 58 -22.58 -3.95 3.92
N SER B 59 -23.88 -3.94 4.25
CA SER B 59 -24.72 -5.09 3.90
C SER B 59 -24.84 -5.25 2.38
N VAL B 60 -25.06 -4.15 1.67
CA VAL B 60 -25.22 -4.25 0.21
C VAL B 60 -23.89 -4.70 -0.48
N THR B 61 -22.79 -4.11 -0.10
CA THR B 61 -21.57 -4.40 -0.84
C THR B 61 -21.11 -5.85 -0.58
N ILE B 62 -21.35 -6.37 0.63
CA ILE B 62 -20.81 -7.70 0.98
C ILE B 62 -21.75 -8.72 0.41
N ASP B 63 -23.04 -8.37 0.40
CA ASP B 63 -23.97 -9.25 -0.26
C ASP B 63 -23.57 -9.33 -1.71
N ALA B 64 -23.23 -8.20 -2.33
CA ALA B 64 -23.01 -8.26 -3.80
C ALA B 64 -21.76 -9.12 -4.08
N TYR B 65 -20.77 -8.94 -3.23
CA TYR B 65 -19.50 -9.64 -3.35
C TYR B 65 -19.65 -11.13 -3.09
N LEU B 66 -20.30 -11.48 -1.97
CA LEU B 66 -20.51 -12.91 -1.70
C LEU B 66 -21.42 -13.60 -2.69
N THR B 67 -22.47 -12.90 -3.17
CA THR B 67 -23.33 -13.44 -4.22
C THR B 67 -22.51 -13.74 -5.47
N MET B 68 -21.67 -12.80 -5.89
CA MET B 68 -20.84 -12.97 -7.09
C MET B 68 -19.94 -14.21 -6.91
N LEU B 69 -19.38 -14.35 -5.72
CA LEU B 69 -18.43 -15.45 -5.49
C LEU B 69 -19.11 -16.83 -5.45
N LEU B 70 -20.35 -16.89 -4.91
CA LEU B 70 -20.91 -18.19 -4.48
C LEU B 70 -22.13 -18.69 -5.27
N ALA B 71 -22.85 -17.76 -5.86
CA ALA B 71 -24.26 -18.05 -6.18
C ALA B 71 -24.52 -19.06 -7.31
N ASP B 72 -23.54 -19.25 -8.20
CA ASP B 72 -23.64 -20.15 -9.34
C ASP B 72 -22.87 -21.48 -9.18
N ALA B 73 -22.36 -21.75 -7.99
CA ALA B 73 -21.77 -23.04 -7.69
C ALA B 73 -22.80 -24.17 -7.89
N PRO B 74 -22.39 -25.25 -8.56
CA PRO B 74 -23.32 -26.34 -8.91
C PRO B 74 -23.67 -27.18 -7.69
N ILE B 75 -22.87 -27.03 -6.65
CA ILE B 75 -23.00 -27.80 -5.45
C ILE B 75 -23.07 -26.84 -4.29
N HIS B 76 -24.00 -27.10 -3.40
CA HIS B 76 -24.07 -26.37 -2.15
C HIS B 76 -24.61 -27.36 -1.06
N ASN B 77 -25.10 -26.82 0.05
CA ASN B 77 -25.33 -27.61 1.26
C ASN B 77 -24.03 -28.20 1.73
N ILE B 78 -22.99 -27.38 1.77
CA ILE B 78 -21.70 -27.90 2.30
C ILE B 78 -21.03 -26.89 3.21
N PRO B 79 -20.10 -27.36 4.05
CA PRO B 79 -19.41 -26.45 4.99
C PRO B 79 -18.44 -25.51 4.26
N VAL B 80 -18.33 -24.28 4.74
CA VAL B 80 -17.48 -23.26 4.11
C VAL B 80 -16.49 -22.73 5.12
N TYR B 81 -15.23 -22.64 4.70
CA TYR B 81 -14.18 -22.01 5.47
C TYR B 81 -13.76 -20.82 4.67
N PHE B 82 -13.84 -19.61 5.27
CA PHE B 82 -13.42 -18.40 4.57
C PHE B 82 -12.22 -17.86 5.30
N TYR B 83 -11.06 -17.90 4.63
CA TYR B 83 -9.83 -17.51 5.27
C TYR B 83 -9.17 -16.42 4.47
N ALA B 84 -9.05 -15.26 5.11
CA ALA B 84 -8.40 -14.12 4.49
C ALA B 84 -6.96 -14.03 4.84
N THR B 85 -6.23 -13.50 3.88
CA THR B 85 -4.79 -13.41 4.07
C THR B 85 -4.25 -11.97 4.20
N ALA B 86 -3.20 -11.62 3.48
CA ALA B 86 -2.47 -10.33 3.82
C ALA B 86 -3.24 -9.12 3.57
N GLY B 87 -4.16 -9.16 2.58
CA GLY B 87 -5.01 -7.93 2.38
C GLY B 87 -5.74 -7.49 3.67
N MET B 88 -6.29 -8.48 4.38
CA MET B 88 -6.97 -8.17 5.65
C MET B 88 -5.97 -7.83 6.77
N ARG B 89 -4.78 -8.44 6.73
CA ARG B 89 -3.74 -8.16 7.73
CA ARG B 89 -3.76 -8.17 7.75
C ARG B 89 -3.24 -6.73 7.72
N LEU B 90 -3.44 -6.05 6.58
CA LEU B 90 -3.14 -4.58 6.53
C LEU B 90 -4.04 -3.69 7.37
N LEU B 91 -5.18 -4.23 7.82
CA LEU B 91 -6.19 -3.54 8.61
C LEU B 91 -6.12 -3.90 10.11
N PRO B 92 -6.36 -2.90 11.02
CA PRO B 92 -6.43 -3.29 12.46
C PRO B 92 -7.67 -4.14 12.77
N GLN B 93 -7.61 -4.95 13.84
CA GLN B 93 -8.69 -5.91 14.14
CA GLN B 93 -8.67 -5.91 14.18
C GLN B 93 -10.03 -5.21 14.20
N SER B 94 -10.05 -4.00 14.74
CA SER B 94 -11.32 -3.20 14.85
C SER B 94 -11.96 -2.92 13.50
N GLN B 95 -11.17 -2.73 12.45
CA GLN B 95 -11.71 -2.52 11.08
CA GLN B 95 -11.71 -2.51 11.10
C GLN B 95 -12.09 -3.85 10.43
N GLN B 96 -11.24 -4.87 10.60
CA GLN B 96 -11.57 -6.19 10.10
C GLN B 96 -12.92 -6.68 10.65
N LYS B 97 -13.20 -6.34 11.91
CA LYS B 97 -14.38 -6.87 12.58
C LYS B 97 -15.66 -6.51 11.84
N LYS B 98 -15.70 -5.31 11.24
CA LYS B 98 -16.87 -4.89 10.47
C LYS B 98 -17.12 -5.82 9.29
N TYR B 99 -16.06 -6.29 8.65
CA TYR B 99 -16.21 -7.14 7.47
C TYR B 99 -16.73 -8.46 7.92
N TYR B 100 -16.15 -9.04 8.97
CA TYR B 100 -16.65 -10.32 9.40
C TYR B 100 -18.03 -10.28 10.03
N ASP B 101 -18.46 -9.15 10.68
CA ASP B 101 -19.79 -9.08 11.20
C ASP B 101 -20.83 -9.10 10.04
N GLU B 102 -20.51 -8.40 8.96
CA GLU B 102 -21.42 -8.34 7.81
C GLU B 102 -21.37 -9.73 7.10
N LEU B 103 -20.19 -10.36 7.01
CA LEU B 103 -20.11 -11.63 6.33
C LEU B 103 -20.93 -12.67 7.12
N ASP B 104 -20.79 -12.63 8.45
CA ASP B 104 -21.49 -13.59 9.30
C ASP B 104 -22.97 -13.44 9.08
N TYR B 105 -23.45 -12.19 9.09
CA TYR B 105 -24.87 -11.92 8.89
C TYR B 105 -25.33 -12.49 7.53
N TRP B 106 -24.53 -12.28 6.48
CA TRP B 106 -24.93 -12.72 5.13
C TRP B 106 -25.13 -14.22 5.16
N PHE B 107 -24.18 -14.95 5.76
CA PHE B 107 -24.37 -16.41 5.81
C PHE B 107 -25.54 -16.87 6.66
N ARG B 108 -25.87 -16.15 7.73
CA ARG B 108 -26.96 -16.53 8.58
C ARG B 108 -28.29 -16.24 7.84
N GLN B 109 -28.26 -15.29 6.91
CA GLN B 109 -29.49 -14.92 6.12
C GLN B 109 -29.80 -15.88 4.96
N GLN B 110 -29.03 -16.94 4.80
CA GLN B 110 -29.29 -17.89 3.68
C GLN B 110 -29.14 -19.32 4.18
N SER B 111 -29.41 -20.33 3.33
CA SER B 111 -29.32 -21.75 3.80
C SER B 111 -28.71 -22.77 2.78
N GLN B 112 -27.92 -22.28 1.83
CA GLN B 112 -27.28 -23.14 0.83
C GLN B 112 -25.87 -23.51 1.35
N TRP B 113 -25.28 -22.63 2.16
CA TRP B 113 -23.91 -22.76 2.67
C TRP B 113 -23.87 -22.84 4.19
N GLN B 114 -23.07 -23.72 4.79
CA GLN B 114 -22.97 -23.78 6.24
CA GLN B 114 -22.94 -23.81 6.26
C GLN B 114 -21.59 -23.20 6.62
N LEU B 115 -21.60 -21.93 7.04
CA LEU B 115 -20.30 -21.31 7.41
C LEU B 115 -19.73 -21.95 8.65
N VAL B 116 -18.51 -22.46 8.57
CA VAL B 116 -17.89 -23.06 9.71
C VAL B 116 -17.00 -22.02 10.35
N GLU B 117 -16.16 -21.34 9.57
CA GLU B 117 -15.22 -20.35 10.13
C GLU B 117 -14.98 -19.25 9.11
N ALA B 118 -14.90 -17.99 9.55
CA ALA B 118 -14.50 -16.88 8.65
C ALA B 118 -13.54 -16.03 9.48
N LYS B 119 -12.29 -15.96 9.05
CA LYS B 119 -11.26 -15.31 9.88
C LYS B 119 -10.05 -14.97 9.05
N THR B 120 -9.27 -14.01 9.55
CA THR B 120 -7.98 -13.77 8.88
C THR B 120 -6.93 -14.69 9.49
N ILE B 121 -6.21 -15.42 8.62
CA ILE B 121 -5.15 -16.28 9.11
C ILE B 121 -3.85 -15.54 9.12
N THR B 122 -2.95 -15.97 10.00
CA THR B 122 -1.59 -15.37 10.00
C THR B 122 -0.77 -15.84 8.78
N GLY B 123 0.28 -15.07 8.50
CA GLY B 123 1.11 -15.40 7.35
C GLY B 123 1.86 -16.72 7.66
N ASN B 124 2.06 -16.99 8.95
CA ASN B 124 2.71 -18.33 9.32
C ASN B 124 1.76 -19.49 9.00
N ASP B 125 0.45 -19.31 9.31
CA ASP B 125 -0.57 -20.33 8.96
C ASP B 125 -0.63 -20.47 7.40
N GLU B 126 -0.67 -19.32 6.71
CA GLU B 126 -0.70 -19.32 5.25
C GLU B 126 0.52 -20.08 4.68
N ALA B 127 1.70 -19.85 5.27
CA ALA B 127 2.95 -20.57 4.83
C ALA B 127 2.82 -22.07 5.07
N LEU B 128 2.29 -22.47 6.22
CA LEU B 128 2.06 -23.90 6.46
C LEU B 128 1.12 -24.48 5.38
N PHE B 129 0.03 -23.78 5.10
CA PHE B 129 -0.84 -24.26 4.08
C PHE B 129 -0.22 -24.25 2.67
N ASP B 130 0.63 -23.26 2.36
CA ASP B 130 1.37 -23.23 1.10
C ASP B 130 2.19 -24.58 1.00
N TRP B 131 2.89 -24.97 2.06
CA TRP B 131 3.76 -26.12 1.97
C TRP B 131 2.91 -27.38 1.82
N LEU B 132 1.84 -27.48 2.59
CA LEU B 132 1.04 -28.72 2.53
C LEU B 132 0.41 -28.86 1.12
N ALA B 133 -0.09 -27.77 0.56
CA ALA B 133 -0.77 -27.81 -0.73
C ALA B 133 0.16 -28.25 -1.79
N VAL B 134 1.31 -27.60 -1.89
CA VAL B 134 2.31 -28.03 -2.88
C VAL B 134 2.79 -29.50 -2.70
N ASN B 135 3.13 -29.86 -1.45
CA ASN B 135 3.64 -31.25 -1.27
C ASN B 135 2.52 -32.27 -1.42
N TYR B 136 1.27 -31.92 -1.10
CA TYR B 136 0.14 -32.85 -1.40
C TYR B 136 0.13 -33.17 -2.92
N LYS B 137 0.23 -32.13 -3.76
CA LYS B 137 0.24 -32.31 -5.23
C LYS B 137 1.48 -33.00 -5.80
N LEU B 138 2.63 -32.83 -5.15
CA LEU B 138 3.86 -33.54 -5.51
C LEU B 138 3.84 -34.97 -4.99
N ASP B 139 2.85 -35.31 -4.17
CA ASP B 139 2.79 -36.67 -3.54
C ASP B 139 4.02 -36.97 -2.66
N THR B 140 4.48 -35.99 -1.88
CA THR B 140 5.61 -36.22 -1.00
C THR B 140 5.21 -36.35 0.50
N LEU B 141 3.93 -36.45 0.78
CA LEU B 141 3.48 -36.46 2.15
C LEU B 141 3.28 -37.84 2.77
N LYS B 142 3.05 -38.90 1.97
CA LYS B 142 2.73 -40.21 2.50
C LYS B 142 3.96 -41.04 2.90
N SER B 143 5.14 -40.59 2.46
CA SER B 143 6.36 -41.34 2.78
C SER B 143 7.50 -40.40 3.10
N VAL B 144 8.34 -40.81 4.05
CA VAL B 144 9.58 -40.06 4.43
C VAL B 144 10.49 -39.75 3.23
N GLN B 145 10.80 -38.47 3.00
CA GLN B 145 11.60 -38.02 1.83
C GLN B 145 13.08 -37.88 2.12
N ASN B 146 13.93 -38.30 1.17
CA ASN B 146 15.35 -37.98 1.25
C ASN B 146 15.71 -36.70 0.48
N LYS B 147 14.71 -35.87 0.21
CA LYS B 147 14.93 -34.56 -0.43
C LYS B 147 14.12 -33.51 0.34
N SER B 148 14.74 -32.36 0.59
CA SER B 148 14.08 -31.21 1.20
C SER B 148 13.38 -30.42 0.12
N VAL B 149 12.07 -30.16 0.31
CA VAL B 149 11.31 -29.33 -0.64
C VAL B 149 10.95 -28.03 0.06
N GLY B 150 11.35 -26.93 -0.56
CA GLY B 150 11.01 -25.59 -0.05
C GLY B 150 9.92 -24.97 -0.93
N VAL B 151 9.07 -24.11 -0.34
CA VAL B 151 7.94 -23.53 -1.08
C VAL B 151 7.92 -22.00 -0.82
N MET B 152 7.64 -21.26 -1.88
CA MET B 152 7.59 -19.78 -1.84
C MET B 152 6.24 -19.42 -2.41
N ASP B 153 5.55 -18.45 -1.77
CA ASP B 153 4.24 -18.01 -2.30
C ASP B 153 4.39 -16.52 -2.45
N MET B 154 4.31 -16.03 -3.69
CA MET B 154 4.45 -14.61 -4.06
C MET B 154 3.10 -13.93 -4.15
N GLY B 155 2.66 -13.23 -3.07
CA GLY B 155 1.30 -12.64 -3.03
C GLY B 155 1.43 -11.14 -3.30
N GLY B 156 0.25 -10.52 -3.21
CA GLY B 156 0.08 -9.04 -3.53
C GLY B 156 0.52 -8.22 -2.34
N ALA B 157 0.35 -8.74 -1.13
CA ALA B 157 0.73 -7.93 0.05
C ALA B 157 1.78 -8.63 0.94
N SER B 158 1.84 -9.97 0.92
CA SER B 158 2.92 -10.69 1.61
C SER B 158 3.48 -11.71 0.73
N VAL B 159 4.66 -12.15 1.13
CA VAL B 159 5.34 -13.32 0.52
C VAL B 159 5.62 -14.27 1.66
N GLN B 160 5.50 -15.61 1.39
CA GLN B 160 5.86 -16.64 2.39
C GLN B 160 7.00 -17.47 1.86
N ILE B 161 7.78 -17.98 2.80
CA ILE B 161 8.77 -18.98 2.49
C ILE B 161 8.64 -20.07 3.57
N VAL B 162 8.83 -21.36 3.18
CA VAL B 162 8.60 -22.41 4.16
C VAL B 162 9.46 -23.58 3.70
N PHE B 163 10.13 -24.20 4.65
CA PHE B 163 11.03 -25.31 4.33
C PHE B 163 11.28 -26.15 5.55
N PRO B 164 11.64 -27.44 5.38
CA PRO B 164 11.94 -28.34 6.53
C PRO B 164 13.08 -27.80 7.41
N MET B 165 12.86 -27.87 8.72
CA MET B 165 13.87 -27.44 9.67
C MET B 165 13.56 -28.13 11.00
N PRO B 166 14.52 -28.84 11.57
CA PRO B 166 14.20 -29.47 12.82
C PRO B 166 13.85 -28.46 13.92
N LYS B 167 12.95 -28.89 14.82
CA LYS B 167 12.51 -28.04 15.93
C LYS B 167 13.70 -27.48 16.72
N ASN B 168 13.68 -26.17 16.96
CA ASN B 168 14.84 -25.35 17.46
C ASN B 168 14.42 -24.39 18.57
N ALA B 169 14.99 -24.56 19.77
CA ALA B 169 14.63 -23.73 20.92
C ALA B 169 15.03 -22.26 20.75
N GLU B 170 15.91 -21.96 19.80
CA GLU B 170 16.36 -20.57 19.60
C GLU B 170 15.50 -19.75 18.63
N ILE B 171 14.68 -20.42 17.82
CA ILE B 171 13.82 -19.68 16.85
C ILE B 171 12.43 -19.44 17.48
N SER B 172 11.83 -18.26 17.30
CA SER B 172 10.44 -18.05 17.74
C SER B 172 9.53 -19.25 17.40
N LYS B 173 8.70 -19.65 18.35
CA LYS B 173 7.77 -20.76 18.15
C LYS B 173 6.79 -20.47 17.01
N HIS B 174 6.52 -19.19 16.77
CA HIS B 174 5.58 -18.72 15.78
C HIS B 174 6.10 -19.03 14.40
N ASN B 175 7.43 -19.15 14.25
CA ASN B 175 8.08 -19.49 12.95
C ASN B 175 8.40 -20.99 12.76
N GLN B 176 7.90 -21.84 13.64
CA GLN B 176 8.09 -23.26 13.49
C GLN B 176 6.80 -24.00 13.63
N VAL B 177 6.61 -25.00 12.78
CA VAL B 177 5.44 -25.83 12.88
CA VAL B 177 5.44 -25.84 12.93
C VAL B 177 5.80 -27.31 12.89
N GLU B 178 5.21 -28.06 13.81
CA GLU B 178 5.33 -29.49 13.83
C GLU B 178 3.99 -30.06 13.48
N LEU B 179 3.95 -31.02 12.56
CA LEU B 179 2.70 -31.75 12.32
C LEU B 179 2.97 -33.20 12.03
N ASN B 180 1.98 -34.05 12.33
CA ASN B 180 2.04 -35.44 12.04
C ASN B 180 0.97 -35.66 10.99
N ILE B 181 1.41 -36.10 9.81
CA ILE B 181 0.46 -36.39 8.76
C ILE B 181 0.82 -37.71 8.07
N TYR B 182 -0.19 -38.52 7.83
CA TYR B 182 -0.02 -39.81 7.22
C TYR B 182 1.07 -40.63 7.94
N GLY B 183 1.14 -40.49 9.26
CA GLY B 183 2.05 -41.29 10.08
C GLY B 183 3.48 -40.82 10.00
N GLN B 184 3.70 -39.66 9.38
CA GLN B 184 5.01 -39.05 9.44
C GLN B 184 5.06 -37.72 10.16
N ASN B 185 6.18 -37.51 10.84
CA ASN B 185 6.44 -36.31 11.62
C ASN B 185 7.27 -35.29 10.85
N ILE B 186 6.71 -34.10 10.61
CA ILE B 186 7.36 -33.06 9.78
C ILE B 186 7.51 -31.76 10.54
N ASN B 187 8.71 -31.20 10.54
CA ASN B 187 8.95 -29.93 11.21
C ASN B 187 9.36 -28.89 10.17
N LEU B 188 8.68 -27.73 10.16
CA LEU B 188 8.92 -26.77 9.14
C LEU B 188 9.25 -25.41 9.75
N TYR B 189 10.13 -24.69 9.08
CA TYR B 189 10.28 -23.27 9.41
C TYR B 189 9.30 -22.55 8.48
N VAL B 190 8.56 -21.58 9.03
CA VAL B 190 7.66 -20.70 8.27
C VAL B 190 7.93 -19.22 8.47
N HIS B 191 7.79 -18.47 7.39
CA HIS B 191 7.93 -17.00 7.56
C HIS B 191 7.07 -16.30 6.52
N SER B 192 6.42 -15.23 6.96
CA SER B 192 5.68 -14.40 6.00
C SER B 192 6.20 -12.95 6.13
N PHE B 193 6.42 -12.29 5.02
CA PHE B 193 6.91 -10.89 5.04
C PHE B 193 5.77 -9.96 4.55
N LEU B 194 5.10 -9.30 5.50
CA LEU B 194 3.99 -8.38 5.20
C LEU B 194 4.57 -7.09 4.66
N GLY B 195 4.08 -6.62 3.52
CA GLY B 195 4.63 -5.40 2.89
C GLY B 195 5.55 -5.78 1.73
N LEU B 196 6.01 -7.05 1.63
CA LEU B 196 6.91 -7.41 0.54
C LEU B 196 6.16 -8.08 -0.63
N GLY B 197 4.84 -8.21 -0.50
CA GLY B 197 4.05 -8.69 -1.67
C GLY B 197 4.15 -7.64 -2.81
N GLN B 198 3.76 -8.01 -4.02
CA GLN B 198 3.99 -7.27 -5.29
CA GLN B 198 4.14 -7.18 -5.17
C GLN B 198 3.38 -5.86 -5.23
N THR B 199 2.16 -5.80 -4.77
CA THR B 199 1.39 -4.51 -4.84
C THR B 199 2.04 -3.55 -3.85
N GLU B 200 2.24 -4.02 -2.63
CA GLU B 200 2.81 -3.15 -1.58
C GLU B 200 4.21 -2.72 -1.89
N MET B 201 5.04 -3.64 -2.31
CA MET B 201 6.45 -3.35 -2.71
CA MET B 201 6.40 -3.24 -2.60
C MET B 201 6.45 -2.29 -3.81
N SER B 202 5.62 -2.51 -4.81
CA SER B 202 5.74 -1.74 -6.04
CA SER B 202 5.71 -1.71 -6.03
C SER B 202 5.45 -0.25 -5.70
N HIS B 203 4.66 -0.04 -4.66
CA HIS B 203 4.31 1.36 -4.27
C HIS B 203 5.49 2.17 -3.74
N GLN B 204 6.63 1.51 -3.51
CA GLN B 204 7.89 2.21 -3.08
C GLN B 204 8.76 2.61 -4.26
N PHE B 205 8.42 2.18 -5.46
CA PHE B 205 9.35 2.25 -6.62
C PHE B 205 8.74 2.78 -7.86
N LEU B 206 7.56 3.39 -7.78
CA LEU B 206 6.84 3.86 -9.00
C LEU B 206 7.54 5.04 -9.67
N ASN B 207 8.39 5.76 -8.92
CA ASN B 207 9.18 6.79 -9.52
C ASN B 207 10.65 6.47 -9.74
N SER B 208 10.96 5.17 -9.82
CA SER B 208 12.36 4.70 -10.10
C SER B 208 12.53 4.46 -11.58
N PRO B 209 13.25 5.35 -12.33
CA PRO B 209 13.37 5.13 -13.77
C PRO B 209 13.97 3.77 -14.09
N SER B 210 14.86 3.22 -13.25
CA SER B 210 15.48 1.94 -13.56
CA SER B 210 15.47 1.97 -13.64
C SER B 210 14.49 0.78 -13.61
N CYS B 211 13.34 0.96 -12.99
CA CYS B 211 12.33 -0.15 -12.87
C CYS B 211 11.26 -0.19 -13.96
N PHE B 212 11.36 0.69 -14.98
CA PHE B 212 10.36 0.73 -16.03
C PHE B 212 11.00 0.88 -17.37
N ALA B 213 10.27 0.46 -18.41
CA ALA B 213 10.76 0.58 -19.79
C ALA B 213 11.16 2.03 -20.15
N ASN B 214 12.08 2.20 -21.11
CA ASN B 214 12.46 3.53 -21.58
C ASN B 214 11.28 4.38 -21.94
N ASP B 215 11.27 5.60 -21.40
CA ASP B 215 10.18 6.55 -21.66
C ASP B 215 8.81 6.22 -21.09
N TYR B 216 8.73 5.17 -20.25
CA TYR B 216 7.47 4.91 -19.54
C TYR B 216 7.17 6.19 -18.71
N PRO B 217 5.95 6.76 -18.81
CA PRO B 217 5.62 8.00 -18.02
C PRO B 217 5.48 7.72 -16.51
N LEU B 218 6.49 8.07 -15.71
CA LEU B 218 6.42 7.81 -14.29
C LEU B 218 5.46 8.85 -13.66
N PRO B 219 4.82 8.46 -12.53
CA PRO B 219 3.69 9.36 -12.12
C PRO B 219 4.12 10.75 -11.78
N ASP B 220 5.36 10.93 -11.38
CA ASP B 220 5.74 12.27 -10.95
C ASP B 220 6.46 13.08 -12.06
N GLY B 221 6.38 12.52 -13.28
CA GLY B 221 6.68 13.23 -14.53
C GLY B 221 8.05 12.94 -15.17
N GLU B 222 8.90 12.16 -14.48
CA GLU B 222 10.17 11.67 -15.05
C GLU B 222 9.85 10.47 -15.98
N SER B 223 10.87 10.08 -16.74
CA SER B 223 10.72 8.97 -17.74
C SER B 223 11.47 7.75 -17.32
N GLY B 224 10.88 6.61 -17.65
CA GLY B 224 11.56 5.36 -17.38
C GLY B 224 12.88 5.31 -18.11
N GLN B 225 13.83 4.56 -17.54
CA GLN B 225 15.09 4.33 -18.21
C GLN B 225 15.59 2.99 -17.67
N GLY B 226 14.97 1.94 -18.16
CA GLY B 226 15.03 0.66 -17.44
C GLY B 226 16.41 0.00 -17.40
N ASN B 227 16.66 -0.63 -16.27
CA ASN B 227 17.89 -1.42 -16.13
C ASN B 227 17.68 -2.40 -15.00
N ALA B 228 17.44 -3.70 -15.31
CA ALA B 228 16.99 -4.60 -14.28
C ALA B 228 18.01 -4.80 -13.13
N PRO B 229 19.32 -4.91 -13.43
CA PRO B 229 20.22 -4.99 -12.24
C PRO B 229 20.13 -3.75 -11.29
N SER B 230 19.97 -2.56 -11.88
CA SER B 230 19.82 -1.34 -11.05
C SER B 230 18.50 -1.34 -10.25
N CYS B 231 17.40 -1.72 -10.90
CA CYS B 231 16.12 -1.84 -10.25
C CYS B 231 16.21 -2.85 -9.11
N LYS B 232 16.80 -4.00 -9.44
CA LYS B 232 17.03 -5.04 -8.40
C LYS B 232 17.75 -4.52 -7.16
N GLU B 233 18.82 -3.74 -7.36
CA GLU B 233 19.54 -3.17 -6.21
CA GLU B 233 19.55 -3.12 -6.24
C GLU B 233 18.63 -2.24 -5.38
N GLU B 234 17.76 -1.45 -6.06
CA GLU B 234 16.80 -0.63 -5.30
C GLU B 234 15.87 -1.51 -4.49
N VAL B 235 15.34 -2.56 -5.08
CA VAL B 235 14.37 -3.39 -4.37
C VAL B 235 15.07 -4.14 -3.21
N THR B 236 16.33 -4.54 -3.40
CA THR B 236 17.12 -5.14 -2.32
C THR B 236 17.19 -4.27 -1.09
N SER B 237 17.22 -2.93 -1.26
CA SER B 237 17.28 -2.11 -0.04
CA SER B 237 17.26 -2.06 -0.07
C SER B 237 15.99 -2.23 0.79
N LEU B 238 14.87 -2.40 0.14
CA LEU B 238 13.65 -2.72 0.87
C LEU B 238 13.70 -4.07 1.54
N MET B 239 14.21 -5.04 0.82
CA MET B 239 14.30 -6.45 1.28
CA MET B 239 14.14 -6.36 1.40
C MET B 239 15.16 -6.55 2.53
N ASN B 240 16.34 -5.97 2.44
CA ASN B 240 17.37 -6.19 3.42
C ASN B 240 17.62 -5.02 4.35
N SER B 241 17.70 -3.79 3.85
CA SER B 241 17.95 -2.74 4.80
C SER B 241 16.69 -2.45 5.64
N VAL B 242 15.51 -2.66 5.07
CA VAL B 242 14.28 -2.47 5.85
C VAL B 242 13.84 -3.79 6.52
N HIS B 243 13.51 -4.84 5.74
CA HIS B 243 12.94 -6.04 6.33
C HIS B 243 13.96 -7.06 6.89
N LYS B 244 15.23 -6.82 6.61
CA LYS B 244 16.28 -7.76 7.04
C LYS B 244 15.96 -9.20 6.56
N VAL B 245 15.50 -9.36 5.34
CA VAL B 245 15.22 -10.75 4.84
C VAL B 245 16.46 -11.61 4.89
N ASN B 246 17.56 -11.04 4.42
CA ASN B 246 18.81 -11.86 4.34
C ASN B 246 19.24 -12.35 5.69
N GLN B 247 19.30 -11.44 6.66
CA GLN B 247 19.73 -11.80 8.01
C GLN B 247 18.85 -12.84 8.68
N GLN B 248 17.56 -12.84 8.34
CA GLN B 248 16.63 -13.77 8.98
C GLN B 248 16.67 -15.16 8.28
N ILE B 249 16.77 -15.18 6.94
CA ILE B 249 16.53 -16.41 6.18
C ILE B 249 17.83 -17.13 5.87
N GLN B 250 18.83 -16.40 5.39
CA GLN B 250 20.08 -17.05 4.95
C GLN B 250 20.76 -17.97 5.95
N PRO B 251 20.92 -17.57 7.24
CA PRO B 251 21.54 -18.47 8.17
C PRO B 251 20.79 -19.79 8.28
N LEU B 252 19.47 -19.78 8.17
CA LEU B 252 18.67 -21.00 8.33
C LEU B 252 18.72 -21.88 7.13
N LEU B 253 18.71 -21.32 5.92
CA LEU B 253 18.93 -22.15 4.71
C LEU B 253 20.33 -22.68 4.62
N ALA B 254 21.32 -21.92 5.06
CA ALA B 254 22.67 -22.50 5.14
C ALA B 254 22.67 -23.80 5.97
N LEU B 255 21.91 -23.82 7.07
CA LEU B 255 21.95 -25.00 7.95
C LEU B 255 20.96 -26.08 7.55
N ASN B 256 19.97 -25.74 6.72
CA ASN B 256 18.90 -26.65 6.34
C ASN B 256 18.66 -26.51 4.83
N PRO B 257 19.65 -26.95 4.01
CA PRO B 257 19.51 -26.72 2.57
C PRO B 257 18.26 -27.36 1.94
N VAL B 258 17.69 -26.62 1.00
CA VAL B 258 16.56 -27.07 0.25
C VAL B 258 17.04 -27.64 -1.06
N ASN B 259 16.62 -28.86 -1.35
CA ASN B 259 16.92 -29.45 -2.60
C ASN B 259 16.07 -29.08 -3.78
N GLU B 260 14.79 -28.79 -3.57
CA GLU B 260 13.89 -28.50 -4.69
C GLU B 260 13.02 -27.34 -4.23
N TRP B 261 13.03 -26.31 -5.04
CA TRP B 261 12.19 -25.14 -4.78
C TRP B 261 10.96 -25.10 -5.66
N TYR B 262 9.80 -24.82 -5.05
CA TYR B 262 8.53 -24.62 -5.78
C TYR B 262 7.95 -23.30 -5.40
N SER B 263 7.45 -22.60 -6.40
CA SER B 263 6.86 -21.28 -6.16
CA SER B 263 6.83 -21.33 -6.11
C SER B 263 5.42 -21.26 -6.67
N ILE B 264 4.55 -20.51 -5.97
CA ILE B 264 3.22 -20.29 -6.44
C ILE B 264 2.96 -18.80 -6.29
N GLY B 265 1.82 -18.38 -6.80
CA GLY B 265 1.50 -16.94 -6.75
C GLY B 265 1.91 -16.23 -8.04
N GLY B 266 2.15 -14.94 -7.96
CA GLY B 266 2.33 -14.12 -9.15
C GLY B 266 3.43 -14.51 -10.10
N ILE B 267 4.49 -15.09 -9.56
CA ILE B 267 5.63 -15.49 -10.40
C ILE B 267 5.17 -16.50 -11.46
N SER B 268 4.23 -17.38 -11.10
CA SER B 268 3.69 -18.37 -12.07
C SER B 268 3.06 -17.69 -13.27
N ASN B 269 2.28 -16.61 -12.99
CA ASN B 269 1.65 -15.84 -14.05
C ASN B 269 2.65 -15.09 -14.93
N LEU B 270 3.65 -14.49 -14.30
CA LEU B 270 4.67 -13.79 -15.04
C LEU B 270 5.44 -14.79 -15.93
N ALA B 271 5.83 -15.94 -15.36
CA ALA B 271 6.69 -16.80 -16.09
C ALA B 271 5.95 -17.45 -17.25
N SER B 272 4.61 -17.54 -17.16
CA SER B 272 3.74 -18.19 -18.18
CA SER B 272 3.79 -18.19 -18.20
C SER B 272 3.17 -17.18 -19.19
N SER B 273 3.52 -15.91 -19.02
CA SER B 273 3.03 -14.83 -19.89
C SER B 273 3.68 -14.85 -21.27
N GLN B 274 3.18 -14.04 -22.18
CA GLN B 274 3.74 -14.00 -23.52
C GLN B 274 5.10 -13.30 -23.64
N LEU B 275 5.52 -12.60 -22.58
CA LEU B 275 6.79 -11.86 -22.60
C LEU B 275 8.01 -12.63 -22.07
N PHE B 276 7.78 -13.77 -21.41
CA PHE B 276 8.89 -14.55 -20.83
C PHE B 276 8.78 -15.91 -21.41
N HIS B 277 9.92 -16.58 -21.53
CA HIS B 277 10.00 -17.87 -22.18
C HIS B 277 10.76 -18.80 -21.28
N PHE B 278 10.05 -19.82 -20.78
CA PHE B 278 10.63 -20.85 -19.91
C PHE B 278 10.03 -22.19 -20.28
N GLU B 279 10.85 -23.20 -20.22
CA GLU B 279 10.38 -24.58 -20.44
C GLU B 279 10.17 -25.31 -19.13
N ASN B 280 9.35 -26.36 -19.21
CA ASN B 280 9.23 -27.37 -18.15
C ASN B 280 8.74 -26.77 -16.84
N SER B 281 8.02 -25.65 -16.97
CA SER B 281 7.41 -24.95 -15.84
CA SER B 281 7.42 -24.90 -15.87
C SER B 281 8.47 -24.68 -14.78
N GLU B 282 9.65 -24.23 -15.21
CA GLU B 282 10.70 -23.88 -14.24
C GLU B 282 11.59 -22.78 -14.80
N LEU B 283 12.21 -22.06 -13.89
CA LEU B 283 13.04 -20.89 -14.28
C LEU B 283 14.28 -20.87 -13.44
N THR B 284 15.21 -19.97 -13.77
CA THR B 284 16.28 -19.67 -12.83
C THR B 284 16.22 -18.18 -12.64
N ASN B 285 16.74 -17.73 -11.53
CA ASN B 285 16.74 -16.27 -11.29
C ASN B 285 17.63 -15.54 -12.32
N GLN B 286 18.75 -16.16 -12.69
CA GLN B 286 19.64 -15.55 -13.71
C GLN B 286 18.82 -15.27 -15.01
N SER B 287 18.03 -16.26 -15.44
CA SER B 287 17.36 -16.12 -16.72
C SER B 287 16.20 -15.13 -16.58
N LEU B 288 15.51 -15.19 -15.45
CA LEU B 288 14.41 -14.26 -15.21
C LEU B 288 14.91 -12.82 -15.28
N LEU B 289 16.04 -12.55 -14.64
CA LEU B 289 16.50 -11.16 -14.59
C LEU B 289 16.95 -10.67 -16.02
N GLN B 290 17.65 -11.55 -16.74
CA GLN B 290 18.11 -11.29 -18.11
CA GLN B 290 18.10 -11.22 -18.08
C GLN B 290 16.93 -11.01 -19.03
N GLN B 291 15.90 -11.85 -18.93
CA GLN B 291 14.73 -11.70 -19.79
C GLN B 291 13.99 -10.40 -19.46
N GLY B 292 13.81 -10.06 -18.17
CA GLY B 292 13.15 -8.80 -17.85
C GLY B 292 13.99 -7.64 -18.35
N ASP B 293 15.31 -7.74 -18.21
CA ASP B 293 16.19 -6.62 -18.56
C ASP B 293 16.08 -6.35 -20.07
N ASN B 294 16.19 -7.42 -20.88
CA ASN B 294 16.39 -7.27 -22.31
C ASN B 294 15.01 -7.16 -23.03
N GLN B 295 14.01 -7.84 -22.49
CA GLN B 295 12.71 -7.96 -23.16
CA GLN B 295 12.73 -7.90 -23.22
C GLN B 295 11.74 -6.82 -22.74
N ILE B 296 12.02 -6.16 -21.60
CA ILE B 296 11.09 -5.12 -21.07
C ILE B 296 11.90 -3.87 -20.72
N CYS B 297 12.88 -4.01 -19.79
CA CYS B 297 13.54 -2.80 -19.26
C CYS B 297 14.17 -1.93 -20.34
N HIS B 298 14.85 -2.54 -21.28
CA HIS B 298 15.62 -1.80 -22.28
C HIS B 298 14.85 -1.50 -23.55
N GLN B 299 13.53 -1.76 -23.52
CA GLN B 299 12.69 -1.50 -24.68
C GLN B 299 12.08 -0.11 -24.56
N GLN B 300 11.64 0.42 -25.68
CA GLN B 300 10.91 1.67 -25.71
CA GLN B 300 10.90 1.68 -25.73
C GLN B 300 9.46 1.42 -25.32
N TRP B 301 8.98 2.11 -24.30
CA TRP B 301 7.65 1.82 -23.76
C TRP B 301 6.52 1.81 -24.77
N ASP B 302 6.42 2.85 -25.57
CA ASP B 302 5.23 2.94 -26.44
CA ASP B 302 5.25 2.94 -26.45
C ASP B 302 5.28 1.83 -27.50
N ILE B 303 6.47 1.57 -28.00
CA ILE B 303 6.64 0.49 -28.98
C ILE B 303 6.24 -0.87 -28.36
N LEU B 304 6.75 -1.18 -27.17
CA LEU B 304 6.49 -2.47 -26.51
C LEU B 304 5.00 -2.60 -26.15
N ASN B 305 4.44 -1.51 -25.60
CA ASN B 305 3.02 -1.49 -25.24
C ASN B 305 2.17 -1.73 -26.49
N GLY B 306 2.53 -1.14 -27.64
CA GLY B 306 1.78 -1.41 -28.87
C GLY B 306 1.92 -2.85 -29.40
N GLN B 307 3.08 -3.44 -29.13
CA GLN B 307 3.31 -4.85 -29.58
C GLN B 307 2.54 -5.83 -28.77
N TYR B 308 2.35 -5.54 -27.49
CA TYR B 308 1.70 -6.50 -26.55
C TYR B 308 0.50 -5.84 -25.83
N PRO B 309 -0.60 -5.65 -26.56
CA PRO B 309 -1.74 -4.95 -26.01
C PRO B 309 -2.54 -5.71 -24.96
N ASP B 310 -2.37 -7.02 -24.86
CA ASP B 310 -3.38 -7.76 -24.12
C ASP B 310 -2.93 -8.12 -22.72
N ASP B 311 -1.91 -7.44 -22.20
CA ASP B 311 -1.37 -7.87 -20.95
C ASP B 311 -1.30 -6.73 -19.98
N GLU B 312 -2.17 -6.75 -18.96
CA GLU B 312 -2.30 -5.62 -18.00
C GLU B 312 -1.12 -5.43 -17.09
N TYR B 313 -0.29 -6.46 -16.96
CA TYR B 313 0.89 -6.44 -16.12
C TYR B 313 2.15 -5.99 -16.87
N LEU B 314 2.02 -5.80 -18.19
CA LEU B 314 3.22 -5.56 -19.02
C LEU B 314 4.06 -4.42 -18.45
N TYR B 315 3.39 -3.34 -18.06
CA TYR B 315 4.19 -2.15 -17.60
C TYR B 315 5.03 -2.42 -16.39
N GLN B 316 4.69 -3.47 -15.62
CA GLN B 316 5.36 -3.77 -14.37
C GLN B 316 6.43 -4.84 -14.52
N TYR B 317 6.59 -5.39 -15.71
CA TYR B 317 7.41 -6.61 -15.80
C TYR B 317 8.89 -6.35 -15.59
N CYS B 318 9.37 -5.11 -15.88
CA CYS B 318 10.78 -4.76 -15.57
C CYS B 318 10.96 -4.79 -14.03
N LEU B 319 10.01 -4.18 -13.33
CA LEU B 319 10.03 -4.15 -11.86
C LEU B 319 9.85 -5.55 -11.25
N LEU B 320 8.89 -6.33 -11.77
CA LEU B 320 8.59 -7.69 -11.16
C LEU B 320 9.75 -8.62 -11.35
N SER B 321 10.36 -8.65 -12.54
CA SER B 321 11.52 -9.57 -12.76
C SER B 321 12.66 -9.19 -11.80
N SER B 322 12.86 -7.88 -11.66
CA SER B 322 13.92 -7.41 -10.76
C SER B 322 13.59 -7.73 -9.28
N TYR B 323 12.33 -7.52 -8.90
CA TYR B 323 11.88 -7.80 -7.52
C TYR B 323 11.98 -9.29 -7.16
N TYR B 324 11.51 -10.17 -8.04
CA TYR B 324 11.68 -11.64 -7.77
CA TYR B 324 11.68 -11.60 -7.75
C TYR B 324 13.13 -12.04 -7.53
N TYR B 325 14.06 -11.44 -8.32
CA TYR B 325 15.46 -11.74 -8.20
C TYR B 325 15.95 -11.13 -6.87
N ALA B 326 15.57 -9.90 -6.54
CA ALA B 326 15.99 -9.29 -5.30
C ALA B 326 15.54 -10.19 -4.11
N LEU B 327 14.29 -10.63 -4.15
CA LEU B 327 13.71 -11.42 -3.07
C LEU B 327 14.45 -12.77 -2.92
N MET B 328 14.52 -13.51 -4.02
CA MET B 328 15.07 -14.88 -3.95
C MET B 328 16.58 -14.95 -3.82
N VAL B 329 17.29 -14.10 -4.57
CA VAL B 329 18.74 -14.14 -4.61
C VAL B 329 19.31 -13.32 -3.44
N ASP B 330 19.04 -12.03 -3.45
CA ASP B 330 19.61 -11.19 -2.38
C ASP B 330 18.93 -11.36 -1.03
N GLY B 331 17.63 -11.69 -1.01
CA GLY B 331 16.88 -11.86 0.28
C GLY B 331 17.20 -13.30 0.75
N TYR B 332 16.61 -14.30 0.06
CA TYR B 332 16.76 -15.68 0.55
C TYR B 332 18.13 -16.39 0.33
N GLY B 333 18.99 -15.85 -0.53
CA GLY B 333 20.33 -16.41 -0.72
C GLY B 333 20.31 -17.45 -1.77
N ILE B 334 19.24 -17.61 -2.53
CA ILE B 334 19.18 -18.68 -3.54
C ILE B 334 20.19 -18.37 -4.66
N ASN B 335 20.92 -19.39 -5.11
CA ASN B 335 21.87 -19.19 -6.18
C ASN B 335 21.12 -18.76 -7.46
N PRO B 336 21.61 -17.71 -8.15
CA PRO B 336 20.95 -17.39 -9.41
C PRO B 336 20.78 -18.52 -10.46
N ASN B 337 21.60 -19.59 -10.44
CA ASN B 337 21.43 -20.71 -11.41
C ASN B 337 20.61 -21.88 -10.93
N GLN B 338 20.08 -21.74 -9.73
CA GLN B 338 19.28 -22.80 -9.13
C GLN B 338 17.87 -22.80 -9.76
N THR B 339 17.43 -23.99 -10.15
CA THR B 339 16.07 -24.12 -10.74
C THR B 339 15.00 -23.82 -9.75
N ILE B 340 14.01 -23.03 -10.17
CA ILE B 340 12.85 -22.79 -9.35
C ILE B 340 11.63 -23.27 -10.14
N HIS B 341 10.94 -24.27 -9.62
CA HIS B 341 9.78 -24.80 -10.29
C HIS B 341 8.62 -23.84 -9.99
N TYR B 342 7.75 -23.57 -10.95
CA TYR B 342 6.54 -22.71 -10.65
C TYR B 342 5.36 -23.57 -11.06
N ILE B 343 4.30 -23.56 -10.27
CA ILE B 343 3.17 -24.39 -10.61
C ILE B 343 2.41 -23.71 -11.76
N PRO B 344 2.07 -24.41 -12.83
CA PRO B 344 1.29 -23.68 -13.86
C PRO B 344 0.01 -23.00 -13.31
N PRO B 345 -0.30 -21.75 -13.75
CA PRO B 345 -1.49 -21.05 -13.22
C PRO B 345 -2.84 -21.76 -13.49
N GLU B 346 -2.94 -22.40 -14.65
CA GLU B 346 -4.10 -23.26 -15.02
C GLU B 346 -4.49 -24.26 -13.95
N GLN B 347 -3.56 -24.68 -13.11
CA GLN B 347 -3.83 -25.71 -12.11
C GLN B 347 -4.60 -25.21 -10.90
N ASN B 348 -4.68 -23.89 -10.73
CA ASN B 348 -5.45 -23.31 -9.65
C ASN B 348 -4.99 -23.75 -8.27
N LEU B 349 -3.68 -23.97 -8.14
CA LEU B 349 -3.13 -24.41 -6.88
C LEU B 349 -2.87 -23.16 -6.01
N ASP B 350 -3.57 -23.03 -4.89
CA ASP B 350 -3.16 -22.03 -3.90
C ASP B 350 -3.06 -22.91 -2.65
N TRP B 351 -2.98 -22.31 -1.50
CA TRP B 351 -2.75 -23.00 -0.25
C TRP B 351 -4.01 -23.70 0.31
N THR B 352 -5.19 -23.52 -0.32
CA THR B 352 -6.48 -23.95 0.26
C THR B 352 -6.51 -25.49 0.39
N ILE B 353 -5.74 -26.25 -0.44
CA ILE B 353 -5.68 -27.73 -0.22
C ILE B 353 -5.11 -28.00 1.18
N GLY B 354 -4.19 -27.12 1.64
CA GLY B 354 -3.67 -27.27 3.02
C GLY B 354 -4.77 -27.28 4.05
N VAL B 355 -5.80 -26.45 3.84
CA VAL B 355 -6.89 -26.39 4.82
C VAL B 355 -7.67 -27.72 4.86
N VAL B 356 -7.88 -28.32 3.71
CA VAL B 356 -8.49 -29.64 3.69
C VAL B 356 -7.74 -30.64 4.58
N LEU B 357 -6.41 -30.63 4.42
CA LEU B 357 -5.60 -31.60 5.16
C LEU B 357 -5.45 -31.27 6.61
N HIS B 358 -5.41 -29.99 6.97
N HIS B 358 -5.33 -29.99 6.89
CA HIS B 358 -4.80 -29.62 8.28
CA HIS B 358 -4.94 -29.61 8.22
C HIS B 358 -5.72 -29.73 9.50
C HIS B 358 -6.04 -28.79 8.76
N ARG B 359 -6.95 -29.22 9.38
N ARG B 359 -7.07 -29.57 9.12
CA ARG B 359 -8.03 -29.63 10.26
CA ARG B 359 -7.82 -29.50 10.37
C ARG B 359 -7.90 -30.98 10.96
C ARG B 359 -8.17 -30.98 10.85
N ALA B 360 -7.56 -32.02 10.21
CA ALA B 360 -7.62 -33.42 10.77
C ALA B 360 -6.41 -33.80 11.65
N LEU B 361 -5.38 -32.95 11.62
CA LEU B 361 -4.07 -33.25 12.21
C LEU B 361 -3.82 -32.52 13.55
NA NA C . 1.78 0.04 0.30
C2 50T D . -4.35 10.98 11.97
C4 50T D . -5.26 11.47 9.83
C5 50T D . -6.48 11.75 10.39
C6 50T D . -6.61 11.60 11.86
C8 50T D . -6.67 12.06 8.23
N1 50T D . -5.52 11.25 12.59
O3B 50T D . -1.15 13.01 -2.20
O2' 50T D . -4.83 9.06 7.09
O2B 50T D . -3.48 11.57 -1.89
O3' 50T D . -2.54 9.99 5.77
C3' 50T D . -3.85 10.59 5.45
C4' 50T D . -3.63 12.11 5.46
C5' 50T D . -4.46 12.73 4.36
O5' 50T D . -3.93 12.36 3.09
PA 50T D . -4.62 12.29 1.68
O1A 50T D . -5.89 11.51 1.87
O2A 50T D . -4.86 13.80 1.25
O3A 50T D . -3.47 11.70 0.69
O1B 50T D . -1.00 11.06 -0.23
O4B 50T D . -2.27 13.89 0.18
C2' 50T D . -4.86 10.41 6.53
O4' 50T D . -4.16 12.59 6.71
N9 50T D . -5.40 11.67 8.53
N7 50T D . -7.33 12.09 9.40
N6 50T D . -7.90 11.87 12.52
N3 50T D . -4.22 11.11 10.62
C1' 50T D . -4.32 11.44 7.54
VB 50T D . -2.34 12.15 -0.67
MG MG E . -3.73 15.22 0.55
O1 MES F . 16.55 6.26 -6.88
C2 MES F . 16.17 6.45 -5.50
C3 MES F . 15.46 7.81 -5.32
N4 MES F . 14.50 8.17 -6.44
C5 MES F . 14.85 7.76 -7.81
C6 MES F . 15.48 6.35 -7.85
C7 MES F . 13.13 7.72 -6.13
C8 MES F . 12.80 8.18 -4.71
S MES F . 11.71 9.45 -4.66
O1S MES F . 12.43 10.76 -4.58
O2S MES F . 10.79 9.55 -5.81
O3S MES F . 11.01 8.98 -3.47
MG MG G . -2.38 -15.54 -1.96
C2 50T H . 1.13 -11.30 -12.90
C2 50T H . 2.84 -11.19 -11.92
C4 50T H . -0.45 -11.84 -11.20
C4 50T H . 0.63 -11.60 -11.17
C5 50T H . -1.38 -12.20 -12.14
C5 50T H . 0.20 -11.82 -12.47
C6 50T H . -1.02 -12.09 -13.57
C6 50T H . 1.22 -11.68 -13.56
C8 50T H . -2.30 -12.51 -10.18
C8 50T H . -1.48 -12.08 -11.13
N1 50T H . 0.25 -11.63 -13.89
N1 50T H . 2.47 -11.37 -13.18
O3B 50T H . -1.28 -14.16 -1.04
O2' 50T H . -0.93 -9.28 -8.44
O2' 50T H . -1.61 -9.44 -8.84
O2B 50T H . -3.31 -11.86 0.35
O3' 50T H . 0.45 -10.05 -6.29
O3' 50T H . 0.19 -10.07 -6.79
C3' 50T H . -0.77 -10.79 -6.54
C3' 50T H . -1.06 -10.81 -6.87
C4' 50T H . -0.48 -12.30 -6.44
C4' 50T H . -0.77 -12.31 -6.74
C5' 50T H . -1.63 -13.05 -5.79
C5' 50T H . -1.84 -13.03 -5.90
O5' 50T H . -1.64 -12.57 -4.44
O5' 50T H . -1.70 -12.59 -4.55
PA 50T H . -2.88 -12.60 -3.45
O1A 50T H . -4.07 -11.93 -4.17
O2A 50T H . -3.28 -14.07 -3.11
O3A 50T H . -2.35 -11.88 -2.18
O1B 50T H . -0.51 -11.19 -0.27
O4B 50T H . -1.19 -13.15 1.55
C2' 50T H . -1.20 -10.62 -7.98
C2' 50T H . -1.54 -10.76 -8.31
O4' 50T H . -0.36 -12.78 -7.77
O4' 50T H . -0.73 -12.78 -8.10
N9 50T H . -1.02 -12.07 -9.99
N9 50T H . -0.41 -11.78 -10.36
N7 50T H . -2.49 -12.61 -11.52
N7 50T H . -1.12 -12.11 -12.42
N6 50T H . -2.06 -12.48 -14.53
N6 50T H . 0.98 -11.86 -15.04
N3 50T H . 0.79 -11.39 -11.59
N3 50T H . 1.94 -11.28 -10.94
C1' 50T H . -0.36 -11.71 -8.70
C1' 50T H . -0.42 -11.63 -8.87
VB 50T H . -1.73 -12.35 -0.38
O1 MES I . 13.51 -5.20 12.23
C2 MES I . 12.38 -5.42 13.13
C3 MES I . 11.15 -5.87 12.37
N4 MES I . 11.50 -7.08 11.59
C5 MES I . 12.56 -6.82 10.56
C6 MES I . 13.34 -5.52 10.82
C7 MES I . 10.29 -7.77 11.08
C8 MES I . 10.14 -7.55 9.58
S MES I . 9.51 -8.92 8.83
O1S MES I . 9.37 -8.33 7.50
O2S MES I . 10.39 -10.09 9.00
O3S MES I . 8.22 -9.37 9.31
#